data_2JAE
#
_entry.id   2JAE
#
_cell.length_a   65.696
_cell.length_b   109.705
_cell.length_c   134.402
_cell.angle_alpha   90.00
_cell.angle_beta   90.00
_cell.angle_gamma   90.00
#
_symmetry.space_group_name_H-M   'P 21 21 21'
#
loop_
_entity.id
_entity.type
_entity.pdbx_description
1 polymer 'L-AMINO ACID OXIDASE'
2 non-polymer 'FLAVIN-ADENINE DINUCLEOTIDE'
3 water water
#
_entity_poly.entity_id   1
_entity_poly.type   'polypeptide(L)'
_entity_poly.pdbx_seq_one_letter_code
;AGDLIGKVKGSHSVVVLGGGPAGLCSAFELQKAGYKVTVLEARTRPGGRVWTARGGSEETDLSGETQKCTFSEGHFYNVG
ATRIPQSHITLDYCRELGVEIQGFGNQNANTFVNYQSDTSLSGQSVTYRAAKADTFGYMSELLKKATDQGALDQVLSRED
KDALSEFLSDFGDLSDDGRYLGSSRRGYDSEPGAGLNFGTEKKPFAMQEVIRSGIGRNFSFDFGYDQAMMMFTPVGGMDR
IYYAFQDRIGTDNIVFGAEVTSMKNVSEGVTVEYTAGGSKKSITADYAICTIPPHLVGRLQNNLPGDVLTALKAAKPSSS
GKLGIEYSRRWWETEDRIYGGASNTDKDISQIMFPYDHYNSDRGVVVAYYSSGKRQEAFESLTHRQRLAKAIAEGSEIHG
EKYTRDISSSFSGSWRRTKYSESAWANWAGSGGSHGGAATPEYEKLLEPVDKIYFAGDHLSNAIAWQHGALTSARDVVTH
IHERVAQEA
;
_entity_poly.pdbx_strand_id   A,B
#
loop_
_chem_comp.id
_chem_comp.type
_chem_comp.name
_chem_comp.formula
FAD non-polymer 'FLAVIN-ADENINE DINUCLEOTIDE' 'C27 H33 N9 O15 P2'
#
# COMPACT_ATOMS: atom_id res chain seq x y z
N ASP A 3 -0.67 17.35 26.61
CA ASP A 3 0.72 16.90 26.33
C ASP A 3 1.57 18.05 25.77
N LEU A 4 0.97 18.86 24.90
CA LEU A 4 1.64 20.02 24.32
C LEU A 4 1.87 21.09 25.38
N ILE A 5 0.81 21.46 26.08
CA ILE A 5 0.86 22.44 27.16
C ILE A 5 -0.08 22.03 28.30
N GLY A 6 0.30 22.37 29.54
CA GLY A 6 -0.39 21.89 30.73
C GLY A 6 -1.12 22.95 31.55
N LYS A 7 -2.34 23.27 31.13
CA LYS A 7 -3.27 24.11 31.92
C LYS A 7 -2.80 25.55 32.20
N VAL A 8 -3.47 26.52 31.59
CA VAL A 8 -3.19 27.93 31.85
C VAL A 8 -3.92 28.40 33.11
N LYS A 9 -3.33 29.36 33.80
CA LYS A 9 -3.92 29.93 35.02
C LYS A 9 -4.66 31.22 34.68
N GLY A 10 -5.87 31.37 35.21
CA GLY A 10 -6.68 32.58 35.01
C GLY A 10 -7.44 32.58 33.69
N SER A 11 -7.96 33.75 33.33
CA SER A 11 -8.79 33.92 32.13
C SER A 11 -7.97 34.56 31.00
N HIS A 12 -7.87 33.84 29.87
CA HIS A 12 -7.12 34.33 28.71
C HIS A 12 -7.85 33.92 27.44
N SER A 13 -7.93 34.84 26.47
CA SER A 13 -8.69 34.63 25.25
C SER A 13 -7.84 34.73 24.01
N VAL A 14 -8.24 33.97 22.99
CA VAL A 14 -7.58 34.01 21.69
C VAL A 14 -8.65 34.01 20.61
N VAL A 15 -8.45 34.85 19.59
CA VAL A 15 -9.26 34.77 18.39
C VAL A 15 -8.43 34.16 17.27
N VAL A 16 -8.99 33.16 16.59
CA VAL A 16 -8.31 32.44 15.53
C VAL A 16 -8.98 32.79 14.22
N LEU A 17 -8.20 33.35 13.30
CA LEU A 17 -8.71 33.74 11.99
C LEU A 17 -8.45 32.58 11.05
N GLY A 18 -9.53 31.97 10.58
CA GLY A 18 -9.48 30.81 9.71
C GLY A 18 -9.66 29.50 10.45
N GLY A 19 -10.59 28.69 9.96
CA GLY A 19 -10.85 27.34 10.47
C GLY A 19 -10.43 26.24 9.51
N GLY A 20 -9.24 26.36 8.95
CA GLY A 20 -8.56 25.26 8.30
C GLY A 20 -7.76 24.49 9.32
N PRO A 21 -6.88 23.60 8.88
CA PRO A 21 -6.11 22.79 9.80
C PRO A 21 -5.32 23.58 10.85
N ALA A 22 -4.65 24.65 10.46
CA ALA A 22 -3.88 25.40 11.46
C ALA A 22 -4.78 26.08 12.50
N GLY A 23 -5.88 26.66 12.05
CA GLY A 23 -6.75 27.37 12.95
C GLY A 23 -7.47 26.42 13.90
N LEU A 24 -7.96 25.30 13.35
CA LEU A 24 -8.67 24.33 14.18
C LEU A 24 -7.73 23.63 15.17
N CYS A 25 -6.52 23.29 14.73
CA CYS A 25 -5.55 22.70 15.63
C CYS A 25 -5.21 23.68 16.75
N SER A 26 -5.00 24.94 16.39
CA SER A 26 -4.72 25.98 17.38
C SER A 26 -5.81 26.05 18.43
N ALA A 27 -7.06 26.16 17.97
CA ALA A 27 -8.21 26.26 18.86
C ALA A 27 -8.32 25.03 19.77
N PHE A 28 -8.17 23.85 19.17
CA PHE A 28 -8.23 22.59 19.90
C PHE A 28 -7.21 22.56 21.05
N GLU A 29 -5.97 22.91 20.76
CA GLU A 29 -4.92 22.86 21.79
C GLU A 29 -5.07 23.95 22.83
N LEU A 30 -5.47 25.15 22.41
CA LEU A 30 -5.73 26.24 23.34
C LEU A 30 -6.83 25.89 24.32
N GLN A 31 -7.91 25.31 23.83
CA GLN A 31 -9.00 24.90 24.71
C GLN A 31 -8.58 23.85 25.72
N LYS A 32 -7.79 22.88 25.28
CA LYS A 32 -7.29 21.83 26.18
C LYS A 32 -6.48 22.44 27.32
N ALA A 33 -5.79 23.55 27.03
CA ALA A 33 -4.99 24.24 28.03
C ALA A 33 -5.79 25.24 28.88
N GLY A 34 -7.07 25.42 28.58
CA GLY A 34 -7.97 26.26 29.40
C GLY A 34 -8.26 27.67 28.89
N TYR A 35 -7.91 27.95 27.64
CA TYR A 35 -8.17 29.26 27.04
C TYR A 35 -9.58 29.37 26.50
N LYS A 36 -10.11 30.60 26.51
CA LYS A 36 -11.29 30.95 25.75
C LYS A 36 -10.82 31.15 24.32
N VAL A 37 -11.46 30.47 23.37
CA VAL A 37 -11.07 30.59 21.97
C VAL A 37 -12.31 30.76 21.10
N THR A 38 -12.17 31.60 20.08
CA THR A 38 -13.20 31.76 19.06
C THR A 38 -12.53 31.66 17.69
N VAL A 39 -13.03 30.78 16.84
CA VAL A 39 -12.55 30.62 15.47
C VAL A 39 -13.50 31.34 14.53
N LEU A 40 -12.95 32.13 13.61
CA LEU A 40 -13.74 32.79 12.58
C LEU A 40 -13.39 32.17 11.24
N GLU A 41 -14.37 31.53 10.60
CA GLU A 41 -14.15 30.85 9.34
C GLU A 41 -15.09 31.38 8.27
N ALA A 42 -14.55 31.78 7.12
CA ALA A 42 -15.34 32.38 6.05
C ALA A 42 -16.29 31.41 5.37
N ARG A 43 -15.87 30.16 5.21
CA ARG A 43 -16.70 29.14 4.59
C ARG A 43 -17.70 28.59 5.59
N THR A 44 -18.59 27.72 5.12
CA THR A 44 -19.56 27.05 5.99
C THR A 44 -19.04 25.69 6.48
N ARG A 45 -17.87 25.29 6.00
CA ARG A 45 -17.26 24.01 6.34
C ARG A 45 -15.92 24.24 7.03
N PRO A 46 -15.49 23.30 7.88
CA PRO A 46 -14.14 23.30 8.46
C PRO A 46 -13.15 22.61 7.54
N GLY A 47 -11.91 23.09 7.50
CA GLY A 47 -10.83 22.37 6.82
C GLY A 47 -10.08 23.09 5.71
N GLY A 48 -10.63 24.17 5.17
CA GLY A 48 -9.89 25.00 4.22
C GLY A 48 -9.48 24.25 2.96
N ARG A 49 -8.17 24.16 2.74
CA ARG A 49 -7.65 23.42 1.59
C ARG A 49 -7.79 21.91 1.73
N VAL A 50 -8.21 21.44 2.91
CA VAL A 50 -8.72 20.08 3.06
C VAL A 50 -10.21 20.14 2.77
N TRP A 51 -10.59 19.68 1.58
CA TRP A 51 -11.94 19.78 1.06
C TRP A 51 -12.29 18.47 0.39
N THR A 52 -13.38 17.85 0.80
CA THR A 52 -13.82 16.58 0.23
C THR A 52 -15.14 16.83 -0.49
N ALA A 53 -15.16 16.56 -1.80
CA ALA A 53 -16.35 16.71 -2.63
C ALA A 53 -17.20 15.46 -2.55
N ARG A 54 -18.47 15.64 -2.18
CA ARG A 54 -19.43 14.55 -2.17
C ARG A 54 -20.81 15.07 -2.62
N GLY A 55 -21.72 14.13 -2.87
CA GLY A 55 -23.07 14.51 -3.26
C GLY A 55 -23.62 15.63 -2.38
N GLY A 56 -24.06 16.71 -3.01
CA GLY A 56 -24.58 17.86 -2.28
C GLY A 56 -23.61 19.03 -2.17
N SER A 57 -22.32 18.80 -2.41
CA SER A 57 -21.35 19.89 -2.41
C SER A 57 -21.67 20.87 -3.54
N GLU A 58 -21.79 22.15 -3.18
CA GLU A 58 -21.95 23.20 -4.17
C GLU A 58 -20.87 24.24 -3.95
N GLU A 59 -20.19 24.65 -5.03
CA GLU A 59 -19.12 25.63 -4.95
C GLU A 59 -19.24 26.60 -6.12
N THR A 60 -19.16 27.89 -5.83
CA THR A 60 -19.12 28.92 -6.86
C THR A 60 -17.69 29.45 -6.85
N ASP A 61 -17.01 29.30 -7.97
CA ASP A 61 -15.61 29.73 -8.06
C ASP A 61 -15.53 31.23 -8.40
N LEU A 62 -14.32 31.75 -8.48
CA LEU A 62 -14.12 33.18 -8.66
C LEU A 62 -14.43 33.67 -10.09
N SER A 63 -14.69 32.73 -11.00
CA SER A 63 -15.20 33.06 -12.33
C SER A 63 -16.73 33.15 -12.34
N GLY A 64 -17.36 32.82 -11.23
CA GLY A 64 -18.82 32.87 -11.13
C GLY A 64 -19.51 31.58 -11.53
N GLU A 65 -18.74 30.54 -11.84
CA GLU A 65 -19.33 29.25 -12.20
C GLU A 65 -19.66 28.45 -10.96
N THR A 66 -20.88 27.95 -10.90
CA THR A 66 -21.32 27.11 -9.81
C THR A 66 -21.34 25.64 -10.27
N GLN A 67 -20.72 24.78 -9.46
CA GLN A 67 -20.78 23.34 -9.66
C GLN A 67 -21.55 22.72 -8.50
N LYS A 68 -22.37 21.73 -8.82
CA LYS A 68 -23.14 20.98 -7.86
C LYS A 68 -22.76 19.50 -8.00
N CYS A 69 -22.11 18.97 -6.97
CA CYS A 69 -21.66 17.58 -6.97
C CYS A 69 -22.84 16.66 -6.72
N THR A 70 -22.93 15.60 -7.53
CA THR A 70 -24.00 14.64 -7.39
C THR A 70 -23.48 13.20 -7.25
N PHE A 71 -22.26 13.04 -6.73
CA PHE A 71 -21.72 11.70 -6.50
C PHE A 71 -22.68 10.86 -5.64
N SER A 72 -22.75 9.58 -5.96
CA SER A 72 -23.53 8.61 -5.19
C SER A 72 -23.15 8.63 -3.72
N GLU A 73 -24.11 8.31 -2.86
CA GLU A 73 -23.86 8.31 -1.42
C GLU A 73 -22.67 7.40 -1.09
N GLY A 74 -21.75 7.90 -0.28
CA GLY A 74 -20.57 7.14 0.11
C GLY A 74 -19.38 7.33 -0.80
N HIS A 75 -19.59 8.00 -1.94
CA HIS A 75 -18.55 8.24 -2.93
C HIS A 75 -18.12 9.70 -2.92
N PHE A 76 -16.81 9.91 -3.01
CA PHE A 76 -16.22 11.23 -2.81
C PHE A 76 -14.83 11.24 -3.40
N TYR A 77 -14.25 12.43 -3.52
CA TYR A 77 -12.80 12.53 -3.63
C TYR A 77 -12.31 13.78 -2.92
N ASN A 78 -11.04 13.73 -2.53
CA ASN A 78 -10.37 14.82 -1.86
C ASN A 78 -9.88 15.83 -2.89
N VAL A 79 -10.47 17.02 -2.90
CA VAL A 79 -10.10 18.06 -3.87
C VAL A 79 -8.75 18.69 -3.52
N GLY A 80 -8.44 18.72 -2.23
CA GLY A 80 -7.13 19.14 -1.74
C GLY A 80 -6.40 17.95 -1.14
N ALA A 81 -6.03 18.06 0.13
CA ALA A 81 -5.22 17.02 0.78
C ALA A 81 -5.84 15.63 0.67
N THR A 82 -5.03 14.65 0.29
CA THR A 82 -5.52 13.29 0.11
C THR A 82 -4.68 12.16 0.71
N ARG A 83 -3.39 12.37 0.96
CA ARG A 83 -2.53 11.28 1.40
C ARG A 83 -1.58 11.74 2.50
N ILE A 84 -1.20 10.81 3.37
CA ILE A 84 -0.42 11.14 4.56
C ILE A 84 0.69 10.12 4.76
N PRO A 85 1.95 10.57 4.83
CA PRO A 85 3.04 9.66 5.16
C PRO A 85 3.14 9.39 6.66
N GLN A 86 3.88 8.35 7.01
CA GLN A 86 3.88 7.81 8.36
C GLN A 86 4.50 8.72 9.41
N SER A 87 5.37 9.63 8.99
CA SER A 87 6.07 10.52 9.94
C SER A 87 5.26 11.74 10.34
N HIS A 88 4.15 12.00 9.67
CA HIS A 88 3.43 13.25 9.86
C HIS A 88 2.53 13.19 11.08
N ILE A 89 2.48 14.31 11.80
CA ILE A 89 1.69 14.43 13.02
C ILE A 89 0.18 14.36 12.74
N THR A 90 -0.19 14.52 11.48
CA THR A 90 -1.55 14.29 11.03
C THR A 90 -2.08 12.94 11.51
N LEU A 91 -1.25 11.91 11.45
CA LEU A 91 -1.68 10.57 11.91
C LEU A 91 -1.92 10.52 13.42
N ASP A 92 -1.13 11.26 14.18
CA ASP A 92 -1.32 11.32 15.63
C ASP A 92 -2.61 12.03 15.99
N TYR A 93 -2.96 13.06 15.22
CA TYR A 93 -4.26 13.71 15.42
C TYR A 93 -5.41 12.81 15.00
N CYS A 94 -5.25 12.01 13.95
CA CYS A 94 -6.28 11.03 13.63
C CYS A 94 -6.51 10.10 14.82
N ARG A 95 -5.43 9.66 15.45
CA ARG A 95 -5.56 8.82 16.64
C ARG A 95 -6.28 9.55 17.77
N GLU A 96 -5.83 10.76 18.09
CA GLU A 96 -6.43 11.53 19.18
C GLU A 96 -7.92 11.79 18.95
N LEU A 97 -8.28 12.04 17.69
CA LEU A 97 -9.64 12.41 17.33
C LEU A 97 -10.55 11.21 17.00
N GLY A 98 -9.99 10.01 16.97
CA GLY A 98 -10.75 8.81 16.65
C GLY A 98 -11.16 8.73 15.19
N VAL A 99 -10.35 9.30 14.30
CA VAL A 99 -10.63 9.29 12.87
C VAL A 99 -9.95 8.09 12.24
N GLU A 100 -10.74 7.12 11.79
CA GLU A 100 -10.20 5.88 11.23
C GLU A 100 -9.47 6.16 9.93
N ILE A 101 -8.32 5.49 9.75
CA ILE A 101 -7.52 5.62 8.54
C ILE A 101 -7.43 4.29 7.81
N GLN A 102 -7.10 4.38 6.53
CA GLN A 102 -6.88 3.23 5.67
C GLN A 102 -5.66 3.48 4.79
N GLY A 103 -5.14 2.43 4.19
CA GLY A 103 -4.02 2.59 3.27
C GLY A 103 -4.42 3.40 2.04
N PHE A 104 -3.51 4.26 1.60
CA PHE A 104 -3.66 5.01 0.35
C PHE A 104 -2.69 4.37 -0.65
N GLY A 105 -3.19 3.97 -1.80
CA GLY A 105 -2.35 3.29 -2.78
C GLY A 105 -1.48 4.37 -3.49
N ASN A 106 -0.21 4.59 -3.10
CA ASN A 106 0.61 5.61 -3.74
C ASN A 106 1.65 5.02 -4.68
N GLN A 107 1.59 3.71 -4.90
CA GLN A 107 2.47 3.01 -5.82
C GLN A 107 1.70 1.80 -6.31
N ASN A 108 1.70 1.57 -7.62
CA ASN A 108 1.02 0.43 -8.17
C ASN A 108 1.72 -0.04 -9.44
N ALA A 109 2.11 -1.31 -9.43
CA ALA A 109 2.76 -1.96 -10.56
C ALA A 109 1.86 -2.03 -11.80
N ASN A 110 0.55 -1.96 -11.62
CA ASN A 110 -0.39 -2.17 -12.73
C ASN A 110 -0.92 -0.88 -13.35
N THR A 111 -0.69 0.28 -12.73
CA THR A 111 -1.06 1.53 -13.38
C THR A 111 -0.04 1.83 -14.49
N PHE A 112 -0.34 2.85 -15.30
CA PHE A 112 0.39 3.08 -16.54
C PHE A 112 1.27 4.32 -16.46
N VAL A 113 2.35 4.30 -17.22
CA VAL A 113 3.06 5.52 -17.59
C VAL A 113 2.85 5.76 -19.09
N ASN A 114 2.84 7.02 -19.48
CA ASN A 114 2.58 7.38 -20.87
C ASN A 114 3.21 8.73 -21.16
N TYR A 115 4.28 8.72 -21.96
CA TYR A 115 5.04 9.93 -22.27
C TYR A 115 5.37 10.04 -23.74
N GLN A 116 5.49 11.28 -24.21
CA GLN A 116 5.98 11.55 -25.55
C GLN A 116 7.50 11.38 -25.57
N SER A 117 8.01 10.95 -26.73
CA SER A 117 9.44 10.78 -26.93
C SER A 117 9.70 10.57 -28.42
N ASP A 118 10.98 10.54 -28.79
CA ASP A 118 11.36 10.22 -30.17
C ASP A 118 11.67 8.73 -30.26
N THR A 119 10.71 7.92 -29.82
CA THR A 119 10.79 6.47 -29.89
C THR A 119 9.41 5.94 -30.22
N SER A 120 9.35 4.64 -30.49
CA SER A 120 8.07 4.00 -30.76
C SER A 120 7.20 3.85 -29.50
N LEU A 121 7.77 4.13 -28.32
CA LEU A 121 6.97 4.16 -27.08
C LEU A 121 6.28 5.50 -26.84
N SER A 122 6.50 6.47 -27.73
CA SER A 122 5.87 7.78 -27.60
C SER A 122 4.35 7.69 -27.55
N GLY A 123 3.77 8.14 -26.43
CA GLY A 123 2.32 8.10 -26.25
C GLY A 123 1.75 6.71 -26.03
N GLN A 124 2.60 5.73 -25.79
CA GLN A 124 2.17 4.36 -25.54
C GLN A 124 2.12 4.11 -24.03
N SER A 125 1.03 3.52 -23.56
CA SER A 125 0.91 3.18 -22.16
C SER A 125 1.70 1.92 -21.87
N VAL A 126 2.46 1.96 -20.78
CA VAL A 126 3.26 0.83 -20.32
C VAL A 126 2.99 0.70 -18.83
N THR A 127 2.79 -0.52 -18.34
CA THR A 127 2.57 -0.68 -16.91
C THR A 127 3.85 -0.32 -16.17
N TYR A 128 3.71 0.15 -14.94
CA TYR A 128 4.88 0.42 -14.13
C TYR A 128 5.77 -0.82 -14.01
N ARG A 129 5.18 -2.01 -13.83
CA ARG A 129 6.05 -3.17 -13.63
C ARG A 129 6.85 -3.50 -14.88
N ALA A 130 6.27 -3.33 -16.06
CA ALA A 130 6.99 -3.57 -17.30
C ALA A 130 8.06 -2.51 -17.51
N ALA A 131 7.72 -1.25 -17.26
CA ALA A 131 8.67 -0.16 -17.39
C ALA A 131 9.84 -0.33 -16.43
N LYS A 132 9.54 -0.72 -15.19
CA LYS A 132 10.58 -0.93 -14.19
C LYS A 132 11.47 -2.13 -14.56
N ALA A 133 10.87 -3.24 -14.96
CA ALA A 133 11.66 -4.41 -15.31
C ALA A 133 12.62 -4.11 -16.47
N ASP A 134 12.16 -3.38 -17.48
CA ASP A 134 13.02 -3.07 -18.61
C ASP A 134 14.09 -2.05 -18.20
N THR A 135 13.69 -1.00 -17.51
CA THR A 135 14.65 0.04 -17.10
C THR A 135 15.72 -0.52 -16.18
N PHE A 136 15.30 -1.22 -15.12
CA PHE A 136 16.25 -1.77 -14.18
C PHE A 136 17.01 -2.95 -14.76
N GLY A 137 16.39 -3.69 -15.68
CA GLY A 137 17.07 -4.76 -16.40
C GLY A 137 18.25 -4.24 -17.20
N TYR A 138 18.00 -3.28 -18.09
CA TYR A 138 19.08 -2.72 -18.90
C TYR A 138 20.08 -1.91 -18.08
N MET A 139 19.61 -1.16 -17.09
CA MET A 139 20.51 -0.42 -16.18
C MET A 139 21.49 -1.38 -15.51
N SER A 140 20.96 -2.50 -15.01
CA SER A 140 21.77 -3.50 -14.33
C SER A 140 22.75 -4.17 -15.31
N GLU A 141 22.27 -4.50 -16.50
CA GLU A 141 23.13 -5.05 -17.54
C GLU A 141 24.29 -4.11 -17.85
N LEU A 142 23.99 -2.82 -18.01
CA LEU A 142 25.02 -1.85 -18.35
C LEU A 142 26.04 -1.66 -17.23
N LEU A 143 25.59 -1.59 -15.99
CA LEU A 143 26.52 -1.44 -14.87
C LEU A 143 27.38 -2.70 -14.69
N LYS A 144 26.79 -3.86 -14.89
CA LYS A 144 27.55 -5.11 -14.83
C LYS A 144 28.59 -5.17 -15.94
N LYS A 145 28.21 -4.71 -17.13
CA LYS A 145 29.12 -4.65 -18.28
C LYS A 145 30.31 -3.75 -17.97
N ALA A 146 30.05 -2.56 -17.43
CA ALA A 146 31.11 -1.62 -17.08
C ALA A 146 32.03 -2.19 -16.00
N THR A 147 31.42 -2.86 -15.01
CA THR A 147 32.17 -3.50 -13.93
C THR A 147 33.10 -4.60 -14.48
N ASP A 148 32.55 -5.49 -15.31
CA ASP A 148 33.32 -6.57 -15.92
C ASP A 148 34.45 -6.06 -16.80
N GLN A 149 34.23 -4.94 -17.44
CA GLN A 149 35.20 -4.31 -18.33
C GLN A 149 36.39 -3.71 -17.56
N GLY A 150 36.21 -3.46 -16.27
CA GLY A 150 37.26 -2.89 -15.43
C GLY A 150 37.14 -1.38 -15.24
N ALA A 151 36.04 -0.81 -15.73
CA ALA A 151 35.84 0.64 -15.69
C ALA A 151 35.76 1.21 -14.29
N LEU A 152 35.43 0.37 -13.31
CA LEU A 152 35.29 0.82 -11.93
C LEU A 152 36.34 0.19 -11.02
N ASP A 153 37.43 -0.31 -11.61
CA ASP A 153 38.49 -0.98 -10.85
C ASP A 153 39.21 -0.07 -9.86
N GLN A 154 39.16 1.25 -10.07
CA GLN A 154 39.79 2.22 -9.16
C GLN A 154 38.93 2.56 -7.93
N VAL A 155 37.65 2.20 -7.97
CA VAL A 155 36.73 2.48 -6.86
C VAL A 155 36.09 1.23 -6.24
N LEU A 156 36.24 0.08 -6.89
CA LEU A 156 35.70 -1.19 -6.37
C LEU A 156 36.80 -2.24 -6.31
N SER A 157 36.90 -2.94 -5.18
CA SER A 157 37.80 -4.10 -5.07
C SER A 157 37.21 -5.29 -5.81
N ARG A 158 38.00 -6.34 -5.99
CA ARG A 158 37.53 -7.57 -6.62
C ARG A 158 36.29 -8.11 -5.89
N GLU A 159 36.32 -8.04 -4.57
CA GLU A 159 35.22 -8.53 -3.74
C GLU A 159 33.98 -7.64 -3.87
N ASP A 160 34.21 -6.32 -3.95
CA ASP A 160 33.12 -5.36 -4.20
C ASP A 160 32.45 -5.61 -5.54
N LYS A 161 33.26 -5.86 -6.56
CA LYS A 161 32.75 -6.12 -7.90
C LYS A 161 31.87 -7.38 -7.92
N ASP A 162 32.33 -8.43 -7.24
CA ASP A 162 31.57 -9.68 -7.18
C ASP A 162 30.25 -9.48 -6.42
N ALA A 163 30.30 -8.74 -5.31
CA ALA A 163 29.08 -8.43 -4.55
C ALA A 163 28.11 -7.57 -5.36
N LEU A 164 28.64 -6.55 -6.03
CA LEU A 164 27.82 -5.71 -6.89
C LEU A 164 27.20 -6.53 -8.02
N SER A 165 28.01 -7.38 -8.67
CA SER A 165 27.52 -8.22 -9.76
C SER A 165 26.36 -9.13 -9.31
N GLU A 166 26.51 -9.73 -8.13
CA GLU A 166 25.46 -10.57 -7.55
C GLU A 166 24.17 -9.78 -7.39
N PHE A 167 24.28 -8.58 -6.82
CA PHE A 167 23.12 -7.71 -6.64
C PHE A 167 22.47 -7.35 -7.97
N LEU A 168 23.29 -6.98 -8.95
CA LEU A 168 22.76 -6.54 -10.25
C LEU A 168 22.05 -7.66 -10.99
N SER A 169 22.59 -8.87 -10.91
CA SER A 169 21.97 -10.03 -11.55
C SER A 169 20.56 -10.24 -11.02
N ASP A 170 20.43 -10.09 -9.70
CA ASP A 170 19.14 -10.27 -9.04
C ASP A 170 18.22 -9.07 -9.28
N PHE A 171 18.73 -7.87 -9.03
CA PHE A 171 17.95 -6.64 -9.17
C PHE A 171 17.42 -6.46 -10.60
N GLY A 172 18.24 -6.79 -11.59
CA GLY A 172 17.85 -6.67 -12.99
C GLY A 172 17.25 -7.93 -13.61
N ASP A 173 17.20 -9.02 -12.83
CA ASP A 173 16.78 -10.35 -13.32
C ASP A 173 17.53 -10.73 -14.59
N LEU A 174 18.85 -10.63 -14.52
CA LEU A 174 19.70 -10.90 -15.67
C LEU A 174 19.88 -12.39 -15.90
N SER A 175 20.16 -12.74 -17.15
CA SER A 175 20.53 -14.10 -17.52
C SER A 175 21.85 -14.47 -16.86
N ASP A 176 22.20 -15.75 -16.91
CA ASP A 176 23.43 -16.23 -16.29
C ASP A 176 24.69 -15.54 -16.85
N ASP A 177 24.66 -15.16 -18.12
CA ASP A 177 25.81 -14.46 -18.74
C ASP A 177 25.69 -12.94 -18.74
N GLY A 178 24.79 -12.42 -17.91
CA GLY A 178 24.72 -10.96 -17.62
C GLY A 178 23.83 -10.09 -18.50
N ARG A 179 22.97 -10.68 -19.30
CA ARG A 179 22.10 -9.92 -20.22
C ARG A 179 20.68 -9.80 -19.69
N TYR A 180 20.05 -8.66 -19.92
CA TYR A 180 18.62 -8.53 -19.66
C TYR A 180 17.83 -9.03 -20.88
N LEU A 181 17.07 -10.10 -20.68
CA LEU A 181 16.33 -10.76 -21.76
C LEU A 181 14.83 -10.82 -21.47
N GLY A 182 14.37 -10.02 -20.52
CA GLY A 182 12.97 -10.05 -20.10
C GLY A 182 12.84 -10.69 -18.74
N SER A 183 11.62 -10.72 -18.22
CA SER A 183 11.37 -11.15 -16.84
C SER A 183 9.90 -11.34 -16.60
N SER A 184 9.56 -12.32 -15.76
CA SER A 184 8.20 -12.43 -15.25
C SER A 184 7.77 -11.17 -14.50
N ARG A 185 8.73 -10.36 -14.06
CA ARG A 185 8.42 -9.10 -13.38
C ARG A 185 7.66 -8.14 -14.29
N ARG A 186 7.77 -8.30 -15.61
CA ARG A 186 7.03 -7.45 -16.54
C ARG A 186 5.54 -7.74 -16.54
N GLY A 187 5.14 -8.90 -16.03
CA GLY A 187 3.77 -9.34 -16.13
C GLY A 187 3.51 -10.20 -17.35
N TYR A 188 2.23 -10.48 -17.57
CA TYR A 188 1.79 -11.53 -18.49
C TYR A 188 0.65 -11.07 -19.37
N ASP A 189 0.70 -11.46 -20.65
CA ASP A 189 -0.42 -11.26 -21.55
C ASP A 189 -1.51 -12.31 -21.32
N SER A 190 -1.11 -13.47 -20.79
CA SER A 190 -2.05 -14.50 -20.33
C SER A 190 -1.57 -14.99 -18.97
N GLU A 191 -2.47 -14.97 -17.99
CA GLU A 191 -2.13 -15.22 -16.59
C GLU A 191 -1.80 -16.69 -16.33
N PRO A 192 -0.68 -16.99 -15.68
CA PRO A 192 -0.40 -18.38 -15.34
C PRO A 192 -1.52 -18.99 -14.51
N GLY A 193 -1.95 -20.19 -14.88
CA GLY A 193 -3.03 -20.88 -14.19
C GLY A 193 -2.60 -22.28 -13.77
N ALA A 194 -3.49 -23.23 -13.97
CA ALA A 194 -3.26 -24.59 -13.48
C ALA A 194 -2.79 -25.50 -14.60
N GLY A 195 -2.31 -26.69 -14.22
CA GLY A 195 -1.88 -27.68 -15.21
C GLY A 195 -0.79 -27.15 -16.13
N LEU A 196 -1.01 -27.29 -17.43
CA LEU A 196 -0.04 -26.84 -18.43
C LEU A 196 -0.35 -25.42 -18.92
N ASN A 197 -1.24 -24.71 -18.23
CA ASN A 197 -1.57 -23.32 -18.55
C ASN A 197 -0.51 -22.40 -17.92
N PHE A 198 0.65 -22.31 -18.58
CA PHE A 198 1.80 -21.59 -18.02
C PHE A 198 1.66 -20.07 -18.11
N GLY A 199 0.74 -19.61 -18.95
CA GLY A 199 0.62 -18.19 -19.25
C GLY A 199 1.71 -17.76 -20.22
N THR A 200 1.74 -16.48 -20.54
CA THR A 200 2.69 -15.95 -21.50
C THR A 200 3.21 -14.62 -20.99
N GLU A 201 4.52 -14.53 -20.77
CA GLU A 201 5.15 -13.30 -20.31
C GLU A 201 5.08 -12.21 -21.37
N LYS A 202 4.91 -10.97 -20.93
CA LYS A 202 5.03 -9.81 -21.81
C LYS A 202 6.50 -9.66 -22.19
N LYS A 203 6.78 -9.49 -23.47
CA LYS A 203 8.15 -9.42 -23.98
C LYS A 203 8.76 -8.03 -23.78
N PRO A 204 10.09 -7.97 -23.56
CA PRO A 204 10.74 -6.68 -23.29
C PRO A 204 10.87 -5.75 -24.51
N PHE A 205 10.91 -4.45 -24.23
CA PHE A 205 11.31 -3.47 -25.24
C PHE A 205 12.82 -3.49 -25.38
N ALA A 206 13.32 -2.91 -26.46
CA ALA A 206 14.76 -2.87 -26.73
C ALA A 206 15.44 -1.79 -25.90
N MET A 207 16.73 -1.95 -25.66
CA MET A 207 17.44 -1.05 -24.76
C MET A 207 17.40 0.41 -25.16
N GLN A 208 17.73 0.73 -26.41
CA GLN A 208 17.78 2.14 -26.81
C GLN A 208 16.40 2.78 -26.70
N GLU A 209 15.37 2.06 -27.15
CA GLU A 209 13.97 2.51 -27.02
C GLU A 209 13.65 2.85 -25.56
N VAL A 210 14.00 1.95 -24.67
CA VAL A 210 13.69 2.13 -23.25
C VAL A 210 14.38 3.38 -22.71
N ILE A 211 15.67 3.53 -22.97
CA ILE A 211 16.42 4.68 -22.46
C ILE A 211 15.87 5.99 -23.03
N ARG A 212 15.67 6.03 -24.34
CA ARG A 212 15.27 7.27 -25.00
C ARG A 212 13.78 7.60 -24.78
N SER A 213 12.99 6.63 -24.35
CA SER A 213 11.56 6.86 -24.08
C SER A 213 11.31 7.64 -22.79
N GLY A 214 12.26 7.60 -21.87
CA GLY A 214 12.09 8.19 -20.56
C GLY A 214 10.98 7.55 -19.74
N ILE A 215 10.67 6.27 -19.96
CA ILE A 215 9.57 5.65 -19.21
C ILE A 215 9.87 5.49 -17.71
N GLY A 216 11.12 5.70 -17.31
CA GLY A 216 11.52 5.68 -15.89
C GLY A 216 11.53 7.03 -15.21
N ARG A 217 11.08 8.08 -15.90
CA ARG A 217 11.24 9.44 -15.38
C ARG A 217 10.50 9.71 -14.07
N ASN A 218 9.47 8.92 -13.78
CA ASN A 218 8.71 9.08 -12.54
C ASN A 218 9.04 8.06 -11.45
N PHE A 219 9.99 7.16 -11.68
CA PHE A 219 10.24 6.11 -10.69
C PHE A 219 10.67 6.68 -9.35
N SER A 220 11.44 7.76 -9.36
CA SER A 220 11.95 8.31 -8.11
C SER A 220 10.86 8.90 -7.21
N PHE A 221 9.68 9.15 -7.77
CA PHE A 221 8.54 9.56 -6.96
C PHE A 221 8.31 8.60 -5.79
N ASP A 222 8.53 7.30 -6.03
CA ASP A 222 8.36 6.25 -5.01
C ASP A 222 9.22 6.50 -3.79
N PHE A 223 10.31 7.26 -3.95
CA PHE A 223 11.28 7.48 -2.88
C PHE A 223 11.06 8.79 -2.13
N GLY A 224 10.12 9.63 -2.55
CA GLY A 224 9.95 10.90 -1.89
C GLY A 224 9.71 10.67 -0.41
N TYR A 225 10.35 11.47 0.44
CA TYR A 225 10.19 11.25 1.87
C TYR A 225 8.72 11.25 2.28
N ASP A 226 7.94 12.18 1.71
CA ASP A 226 6.54 12.35 2.07
C ASP A 226 5.59 11.50 1.20
N GLN A 227 6.13 10.69 0.30
CA GLN A 227 5.34 9.94 -0.69
C GLN A 227 5.55 8.43 -0.65
N ALA A 228 6.69 7.96 -0.12
CA ALA A 228 7.01 6.55 -0.16
C ALA A 228 5.96 5.75 0.61
N MET A 229 5.60 4.59 0.09
CA MET A 229 4.70 3.71 0.83
C MET A 229 5.40 3.26 2.11
N MET A 230 4.65 3.03 3.19
CA MET A 230 3.17 3.06 3.22
C MET A 230 2.62 4.47 3.47
N MET A 231 1.52 4.77 2.76
CA MET A 231 0.80 6.04 2.88
C MET A 231 -0.62 5.76 3.31
N PHE A 232 -1.26 6.76 3.91
CA PHE A 232 -2.57 6.61 4.55
C PHE A 232 -3.52 7.75 4.27
N THR A 233 -4.80 7.50 4.47
CA THR A 233 -5.82 8.52 4.30
C THR A 233 -7.03 8.18 5.16
N PRO A 234 -7.77 9.18 5.66
CA PRO A 234 -8.97 8.85 6.43
C PRO A 234 -10.07 8.17 5.64
N VAL A 235 -10.69 7.16 6.24
CA VAL A 235 -11.85 6.52 5.66
C VAL A 235 -12.96 7.55 5.51
N GLY A 236 -13.49 7.68 4.31
CA GLY A 236 -14.61 8.57 4.07
C GLY A 236 -14.26 10.01 3.73
N GLY A 237 -12.97 10.35 3.65
CA GLY A 237 -12.54 11.68 3.23
C GLY A 237 -11.62 12.35 4.21
N MET A 238 -10.67 13.11 3.68
CA MET A 238 -9.69 13.79 4.53
C MET A 238 -10.37 14.81 5.44
N ASP A 239 -11.50 15.35 5.01
CA ASP A 239 -12.20 16.34 5.83
C ASP A 239 -12.74 15.79 7.15
N ARG A 240 -12.79 14.47 7.30
CA ARG A 240 -13.22 13.89 8.57
C ARG A 240 -12.35 14.33 9.73
N ILE A 241 -11.07 14.59 9.48
CA ILE A 241 -10.19 15.10 10.52
C ILE A 241 -10.74 16.44 11.07
N TYR A 242 -11.19 17.30 10.17
CA TYR A 242 -11.56 18.67 10.52
C TYR A 242 -12.98 18.78 11.03
N TYR A 243 -13.86 17.89 10.58
CA TYR A 243 -15.15 17.75 11.26
C TYR A 243 -14.97 17.21 12.68
N ALA A 244 -13.98 16.35 12.90
CA ALA A 244 -13.70 15.84 14.24
C ALA A 244 -13.14 16.96 15.13
N PHE A 245 -12.21 17.76 14.61
CA PHE A 245 -11.74 18.94 15.34
C PHE A 245 -12.92 19.87 15.68
N GLN A 246 -13.77 20.14 14.69
CA GLN A 246 -14.93 21.01 14.88
C GLN A 246 -15.78 20.54 16.05
N ASP A 247 -16.06 19.25 16.08
CA ASP A 247 -16.91 18.67 17.13
C ASP A 247 -16.26 18.76 18.51
N ARG A 248 -14.95 18.60 18.59
CA ARG A 248 -14.24 18.71 19.87
C ARG A 248 -14.18 20.16 20.34
N ILE A 249 -13.93 21.09 19.42
CA ILE A 249 -13.88 22.51 19.74
C ILE A 249 -15.26 23.01 20.16
N GLY A 250 -16.29 22.54 19.46
CA GLY A 250 -17.67 22.93 19.68
C GLY A 250 -18.05 24.02 18.69
N THR A 251 -19.15 23.81 17.96
CA THR A 251 -19.61 24.82 17.00
C THR A 251 -19.96 26.16 17.66
N ASP A 252 -20.25 26.14 18.97
CA ASP A 252 -20.43 27.38 19.72
C ASP A 252 -19.18 28.27 19.76
N ASN A 253 -18.01 27.68 19.51
CA ASN A 253 -16.74 28.42 19.52
C ASN A 253 -16.22 28.70 18.12
N ILE A 254 -17.02 28.40 17.11
CA ILE A 254 -16.65 28.63 15.72
C ILE A 254 -17.78 29.41 15.07
N VAL A 255 -17.43 30.53 14.46
CA VAL A 255 -18.39 31.26 13.65
C VAL A 255 -18.08 30.93 12.18
N PHE A 256 -18.97 30.16 11.56
CA PHE A 256 -18.89 29.88 10.13
C PHE A 256 -19.57 31.00 9.36
N GLY A 257 -19.24 31.12 8.08
CA GLY A 257 -19.75 32.23 7.27
C GLY A 257 -19.29 33.60 7.77
N ALA A 258 -18.12 33.62 8.41
CA ALA A 258 -17.58 34.83 9.02
C ALA A 258 -16.39 35.30 8.20
N GLU A 259 -16.62 36.30 7.36
CA GLU A 259 -15.57 36.84 6.52
C GLU A 259 -14.86 37.96 7.25
N VAL A 260 -13.64 37.70 7.69
CA VAL A 260 -12.84 38.70 8.36
C VAL A 260 -12.49 39.81 7.37
N THR A 261 -12.64 41.05 7.82
CA THR A 261 -12.35 42.24 7.02
C THR A 261 -11.30 43.16 7.65
N SER A 262 -11.05 43.02 8.95
CA SER A 262 -10.08 43.86 9.65
C SER A 262 -9.43 43.09 10.79
N MET A 263 -8.14 43.32 11.01
CA MET A 263 -7.39 42.73 12.11
C MET A 263 -6.38 43.76 12.59
N LYS A 264 -6.54 44.22 13.83
CA LYS A 264 -5.70 45.28 14.37
C LYS A 264 -5.26 45.00 15.80
N ASN A 265 -3.97 45.19 16.05
CA ASN A 265 -3.49 45.28 17.43
C ASN A 265 -4.16 46.48 18.09
N VAL A 266 -4.70 46.27 19.28
CA VAL A 266 -5.29 47.33 20.09
C VAL A 266 -4.74 47.21 21.51
N SER A 267 -5.02 48.21 22.33
CA SER A 267 -4.50 48.23 23.71
C SER A 267 -4.68 46.90 24.44
N GLU A 268 -5.89 46.36 24.38
CA GLU A 268 -6.23 45.17 25.17
C GLU A 268 -5.96 43.85 24.46
N GLY A 269 -5.43 43.90 23.24
CA GLY A 269 -5.11 42.67 22.53
C GLY A 269 -5.24 42.87 21.03
N VAL A 270 -6.17 42.15 20.43
CA VAL A 270 -6.41 42.23 18.99
C VAL A 270 -7.91 42.32 18.76
N THR A 271 -8.32 43.27 17.93
CA THR A 271 -9.70 43.40 17.52
C THR A 271 -9.81 42.97 16.06
N VAL A 272 -10.77 42.08 15.82
CA VAL A 272 -11.02 41.55 14.49
C VAL A 272 -12.46 41.88 14.13
N GLU A 273 -12.62 42.52 12.97
CA GLU A 273 -13.94 42.80 12.44
C GLU A 273 -14.24 41.80 11.33
N TYR A 274 -15.49 41.36 11.28
CA TYR A 274 -15.90 40.37 10.32
C TYR A 274 -17.37 40.54 10.00
N THR A 275 -17.77 40.04 8.84
CA THR A 275 -19.16 40.07 8.42
C THR A 275 -19.71 38.65 8.53
N ALA A 276 -20.82 38.51 9.23
CA ALA A 276 -21.48 37.23 9.38
C ALA A 276 -22.98 37.49 9.45
N GLY A 277 -23.75 36.71 8.69
CA GLY A 277 -25.19 36.95 8.57
C GLY A 277 -25.52 38.32 8.01
N GLY A 278 -24.65 38.83 7.15
CA GLY A 278 -24.82 40.16 6.55
C GLY A 278 -24.43 41.33 7.43
N SER A 279 -24.14 41.05 8.71
CA SER A 279 -23.93 42.08 9.74
C SER A 279 -22.45 42.25 10.06
N LYS A 280 -22.04 43.49 10.24
CA LYS A 280 -20.70 43.84 10.69
C LYS A 280 -20.57 43.55 12.18
N LYS A 281 -19.62 42.66 12.50
CA LYS A 281 -19.36 42.27 13.87
C LYS A 281 -17.92 42.56 14.24
N SER A 282 -17.66 42.54 15.54
CA SER A 282 -16.32 42.77 16.07
C SER A 282 -16.11 41.84 17.24
N ILE A 283 -14.89 41.33 17.37
CA ILE A 283 -14.49 40.55 18.53
C ILE A 283 -13.11 41.01 18.95
N THR A 284 -12.89 41.11 20.26
CA THR A 284 -11.59 41.43 20.80
C THR A 284 -11.13 40.27 21.67
N ALA A 285 -9.86 39.91 21.56
CA ALA A 285 -9.25 38.87 22.38
C ALA A 285 -7.85 39.28 22.78
N ASP A 286 -7.28 38.59 23.76
CA ASP A 286 -5.95 38.92 24.25
C ASP A 286 -4.88 38.71 23.18
N TYR A 287 -5.06 37.66 22.38
CA TYR A 287 -4.15 37.30 21.29
C TYR A 287 -4.94 36.93 20.06
N ALA A 288 -4.29 37.00 18.90
CA ALA A 288 -4.85 36.47 17.66
C ALA A 288 -3.88 35.53 17.00
N ILE A 289 -4.42 34.47 16.41
CA ILE A 289 -3.67 33.59 15.53
C ILE A 289 -4.29 33.72 14.14
N CYS A 290 -3.53 34.29 13.21
CA CYS A 290 -4.00 34.52 11.86
C CYS A 290 -3.50 33.42 10.92
N THR A 291 -4.43 32.61 10.43
CA THR A 291 -4.09 31.51 9.52
C THR A 291 -4.62 31.74 8.11
N ILE A 292 -5.15 32.94 7.87
CA ILE A 292 -5.59 33.31 6.53
C ILE A 292 -4.37 33.24 5.58
N PRO A 293 -4.54 32.65 4.38
CA PRO A 293 -3.39 32.58 3.45
C PRO A 293 -2.70 33.94 3.27
N PRO A 294 -1.37 33.94 3.20
CA PRO A 294 -0.62 35.20 3.32
C PRO A 294 -0.91 36.25 2.25
N HIS A 295 -1.20 35.82 1.02
CA HIS A 295 -1.57 36.74 -0.07
C HIS A 295 -2.93 37.38 0.13
N LEU A 296 -3.75 36.82 1.03
CA LEU A 296 -5.07 37.38 1.36
C LEU A 296 -5.03 38.30 2.58
N VAL A 297 -3.99 38.20 3.41
CA VAL A 297 -3.92 39.00 4.64
C VAL A 297 -3.83 40.51 4.32
N GLY A 298 -3.07 40.87 3.30
CA GLY A 298 -2.88 42.28 2.93
C GLY A 298 -4.16 42.99 2.51
N ARG A 299 -5.16 42.22 2.11
CA ARG A 299 -6.46 42.78 1.73
C ARG A 299 -7.29 43.23 2.92
N LEU A 300 -6.99 42.70 4.10
CA LEU A 300 -7.67 43.09 5.33
C LEU A 300 -7.26 44.51 5.72
N GLN A 301 -8.18 45.25 6.32
CA GLN A 301 -7.79 46.46 7.04
C GLN A 301 -6.90 45.99 8.20
N ASN A 302 -5.79 46.68 8.42
CA ASN A 302 -4.85 46.24 9.42
C ASN A 302 -3.93 47.37 9.87
N ASN A 303 -3.19 47.12 10.94
CA ASN A 303 -2.14 48.03 11.38
C ASN A 303 -0.79 47.33 11.51
N LEU A 304 -0.55 46.37 10.61
CA LEU A 304 0.72 45.67 10.54
C LEU A 304 1.81 46.61 10.03
N PRO A 305 3.02 46.51 10.59
CA PRO A 305 4.12 47.31 10.07
C PRO A 305 4.42 47.00 8.59
N GLY A 306 4.96 47.99 7.89
CA GLY A 306 5.24 47.87 6.46
C GLY A 306 6.10 46.67 6.10
N ASP A 307 7.10 46.37 6.91
CA ASP A 307 8.00 45.24 6.61
C ASP A 307 7.32 43.88 6.76
N VAL A 308 6.32 43.79 7.64
CA VAL A 308 5.49 42.60 7.76
C VAL A 308 4.60 42.45 6.53
N LEU A 309 3.99 43.54 6.08
CA LEU A 309 3.17 43.52 4.87
C LEU A 309 4.01 43.08 3.66
N THR A 310 5.24 43.57 3.58
CA THR A 310 6.14 43.19 2.50
C THR A 310 6.50 41.70 2.59
N ALA A 311 6.83 41.24 3.80
CA ALA A 311 7.17 39.82 3.98
C ALA A 311 6.03 38.89 3.55
N LEU A 312 4.79 39.27 3.84
CA LEU A 312 3.63 38.45 3.46
C LEU A 312 3.53 38.26 1.94
N LYS A 313 3.95 39.28 1.19
CA LYS A 313 3.89 39.23 -0.28
C LYS A 313 4.93 38.29 -0.90
N ALA A 314 5.93 37.87 -0.13
CA ALA A 314 6.98 36.98 -0.66
C ALA A 314 6.50 35.52 -0.77
N ALA A 315 5.41 35.18 -0.09
CA ALA A 315 4.83 33.84 -0.16
C ALA A 315 3.92 33.79 -1.38
N LYS A 316 4.47 33.39 -2.52
CA LYS A 316 3.74 33.50 -3.77
C LYS A 316 2.73 32.37 -3.93
N PRO A 317 1.52 32.72 -4.37
CA PRO A 317 0.50 31.70 -4.59
C PRO A 317 0.85 30.76 -5.75
N SER A 318 0.19 29.61 -5.77
CA SER A 318 0.45 28.62 -6.82
C SER A 318 -0.83 27.99 -7.30
N SER A 319 -0.72 27.38 -8.47
CA SER A 319 -1.85 26.77 -9.14
C SER A 319 -1.85 25.26 -8.97
N SER A 320 -3.00 24.71 -8.60
CA SER A 320 -3.19 23.26 -8.60
C SER A 320 -4.68 22.99 -8.63
N GLY A 321 -5.07 21.86 -9.21
CA GLY A 321 -6.46 21.51 -9.29
C GLY A 321 -6.68 20.05 -9.58
N LYS A 322 -7.91 19.63 -9.39
CA LYS A 322 -8.32 18.25 -9.59
C LYS A 322 -9.70 18.19 -10.23
N LEU A 323 -9.99 17.06 -10.84
CA LEU A 323 -11.32 16.76 -11.36
C LEU A 323 -11.60 15.29 -11.09
N GLY A 324 -12.76 15.01 -10.51
CA GLY A 324 -13.19 13.66 -10.23
C GLY A 324 -14.36 13.26 -11.11
N ILE A 325 -14.33 12.04 -11.62
CA ILE A 325 -15.40 11.48 -12.44
C ILE A 325 -15.93 10.25 -11.73
N GLU A 326 -17.24 10.23 -11.45
CA GLU A 326 -17.87 8.99 -10.98
C GLU A 326 -18.23 8.14 -12.19
N TYR A 327 -17.70 6.93 -12.20
CA TYR A 327 -18.02 5.93 -13.19
C TYR A 327 -18.98 4.90 -12.59
N SER A 328 -19.94 4.45 -13.40
CA SER A 328 -20.91 3.43 -12.97
C SER A 328 -20.42 2.01 -13.21
N ARG A 329 -19.14 1.86 -13.55
CA ARG A 329 -18.50 0.57 -13.75
C ARG A 329 -17.04 0.77 -13.39
N ARG A 330 -16.50 -0.10 -12.53
CA ARG A 330 -15.11 0.02 -12.08
C ARG A 330 -14.19 -0.69 -13.08
N TRP A 331 -14.15 -0.14 -14.29
CA TRP A 331 -13.42 -0.75 -15.40
C TRP A 331 -11.93 -0.90 -15.13
N TRP A 332 -11.38 -0.02 -14.31
CA TRP A 332 -9.96 -0.09 -13.97
C TRP A 332 -9.65 -1.39 -13.24
N GLU A 333 -10.54 -1.80 -12.34
CA GLU A 333 -10.40 -3.08 -11.63
C GLU A 333 -10.76 -4.26 -12.52
N THR A 334 -11.90 -4.18 -13.19
CA THR A 334 -12.41 -5.35 -13.91
C THR A 334 -11.65 -5.67 -15.19
N GLU A 335 -11.14 -4.65 -15.87
CA GLU A 335 -10.44 -4.86 -17.14
C GLU A 335 -8.93 -4.74 -16.98
N ASP A 336 -8.46 -3.73 -16.23
CA ASP A 336 -7.03 -3.46 -16.17
C ASP A 336 -6.36 -4.04 -14.92
N ARG A 337 -7.14 -4.63 -14.03
CA ARG A 337 -6.62 -5.19 -12.77
C ARG A 337 -5.86 -4.12 -11.98
N ILE A 338 -6.38 -2.90 -11.99
CA ILE A 338 -5.84 -1.78 -11.24
C ILE A 338 -6.76 -1.51 -10.06
N TYR A 339 -6.21 -1.68 -8.86
CA TYR A 339 -6.90 -1.36 -7.62
C TYR A 339 -6.07 -0.27 -6.92
N GLY A 340 -6.55 0.97 -7.00
CA GLY A 340 -5.81 2.10 -6.46
C GLY A 340 -4.55 2.44 -7.24
N GLY A 341 -3.79 3.38 -6.70
CA GLY A 341 -2.61 3.89 -7.41
C GLY A 341 -2.97 4.93 -8.45
N ALA A 342 -1.96 5.36 -9.20
CA ALA A 342 -2.14 6.40 -10.21
C ALA A 342 -1.33 6.09 -11.46
N SER A 343 -1.90 6.42 -12.62
CA SER A 343 -1.16 6.45 -13.88
C SER A 343 -0.52 7.82 -14.00
N ASN A 344 0.63 7.88 -14.66
CA ASN A 344 1.43 9.10 -14.72
C ASN A 344 1.74 9.45 -16.17
N THR A 345 1.72 10.75 -16.48
CA THR A 345 1.90 11.19 -17.86
C THR A 345 2.49 12.58 -17.94
N ASP A 346 3.03 12.91 -19.11
CA ASP A 346 3.45 14.27 -19.43
C ASP A 346 2.33 15.15 -19.97
N LYS A 347 1.16 14.56 -20.23
CA LYS A 347 -0.01 15.31 -20.65
C LYS A 347 -0.44 16.28 -19.55
N ASP A 348 -1.22 17.28 -19.91
CA ASP A 348 -1.68 18.29 -18.94
C ASP A 348 -2.37 17.66 -17.73
N ILE A 349 -3.16 16.60 -17.94
CA ILE A 349 -3.83 15.94 -16.83
C ILE A 349 -2.85 15.47 -15.75
N SER A 350 -1.62 15.14 -16.16
CA SER A 350 -0.48 14.83 -15.27
C SER A 350 -0.56 13.45 -14.64
N GLN A 351 -1.72 13.10 -14.11
CA GLN A 351 -1.90 11.79 -13.51
C GLN A 351 -3.38 11.50 -13.36
N ILE A 352 -3.70 10.21 -13.30
CA ILE A 352 -5.05 9.71 -13.12
C ILE A 352 -4.99 8.83 -11.89
N MET A 353 -5.77 9.16 -10.87
CA MET A 353 -5.66 8.50 -9.57
C MET A 353 -6.90 7.67 -9.31
N PHE A 354 -6.68 6.37 -9.09
CA PHE A 354 -7.76 5.41 -8.92
C PHE A 354 -8.10 5.26 -7.44
N PRO A 355 -9.37 5.02 -7.13
CA PRO A 355 -9.80 5.07 -5.75
C PRO A 355 -9.26 3.96 -4.85
N TYR A 356 -9.19 4.28 -3.57
CA TYR A 356 -8.63 3.43 -2.52
C TYR A 356 -9.71 2.84 -1.62
N ASP A 357 -10.96 3.00 -2.03
CA ASP A 357 -12.10 2.47 -1.29
C ASP A 357 -13.08 1.79 -2.24
N HIS A 358 -14.05 1.09 -1.65
CA HIS A 358 -15.10 0.39 -2.40
C HIS A 358 -14.51 -0.58 -3.42
N TYR A 359 -13.41 -1.23 -3.08
CA TYR A 359 -12.79 -2.18 -3.99
C TYR A 359 -13.80 -3.26 -4.35
N ASN A 360 -13.84 -3.63 -5.62
CA ASN A 360 -14.73 -4.67 -6.15
C ASN A 360 -16.21 -4.30 -6.19
N SER A 361 -16.55 -3.05 -5.91
CA SER A 361 -17.95 -2.62 -5.90
C SER A 361 -18.44 -2.25 -7.31
N ASP A 362 -19.58 -1.57 -7.40
CA ASP A 362 -20.27 -1.33 -8.68
C ASP A 362 -20.00 0.02 -9.32
N ARG A 363 -19.33 0.93 -8.61
CA ARG A 363 -19.11 2.29 -9.08
C ARG A 363 -17.94 2.89 -8.32
N GLY A 364 -17.40 4.00 -8.80
CA GLY A 364 -16.34 4.67 -8.07
C GLY A 364 -15.91 5.95 -8.74
N VAL A 365 -15.27 6.81 -7.95
CA VAL A 365 -14.75 8.09 -8.43
C VAL A 365 -13.26 7.98 -8.76
N VAL A 366 -12.91 8.35 -9.98
CA VAL A 366 -11.54 8.43 -10.44
C VAL A 366 -11.13 9.90 -10.48
N VAL A 367 -9.95 10.21 -9.96
CA VAL A 367 -9.41 11.55 -10.08
C VAL A 367 -8.75 11.64 -11.46
N ALA A 368 -9.50 12.21 -12.40
CA ALA A 368 -9.12 12.24 -13.82
C ALA A 368 -7.97 13.19 -14.12
N TYR A 369 -7.75 14.16 -13.24
CA TYR A 369 -6.48 14.88 -13.22
C TYR A 369 -6.19 15.42 -11.84
N TYR A 370 -4.90 15.49 -11.55
CA TYR A 370 -4.38 16.26 -10.45
C TYR A 370 -3.10 16.89 -11.00
N SER A 371 -3.20 18.16 -11.35
CA SER A 371 -2.10 18.87 -11.99
C SER A 371 -1.82 20.18 -11.30
N SER A 372 -0.59 20.64 -11.47
CA SER A 372 -0.10 21.84 -10.79
C SER A 372 0.74 22.66 -11.75
N GLY A 373 0.99 23.92 -11.38
CA GLY A 373 1.79 24.81 -12.18
C GLY A 373 1.23 25.03 -13.58
N LYS A 374 2.12 25.04 -14.57
CA LYS A 374 1.72 25.24 -15.96
C LYS A 374 0.61 24.29 -16.40
N ARG A 375 0.69 23.03 -15.98
CA ARG A 375 -0.29 22.04 -16.40
C ARG A 375 -1.64 22.15 -15.67
N GLN A 376 -1.72 22.97 -14.62
CA GLN A 376 -3.02 23.37 -14.08
C GLN A 376 -3.51 24.65 -14.72
N GLU A 377 -2.60 25.55 -15.11
CA GLU A 377 -2.99 26.75 -15.85
C GLU A 377 -3.78 26.38 -17.12
N ALA A 378 -3.49 25.21 -17.68
CA ALA A 378 -4.22 24.68 -18.83
C ALA A 378 -5.69 24.34 -18.55
N PHE A 379 -6.05 24.23 -17.27
CA PHE A 379 -7.45 23.97 -16.87
C PHE A 379 -8.12 25.14 -16.17
N GLU A 380 -7.34 26.04 -15.58
CA GLU A 380 -7.88 27.10 -14.71
C GLU A 380 -8.99 27.94 -15.34
N SER A 381 -8.78 28.34 -16.59
CA SER A 381 -9.70 29.26 -17.26
C SER A 381 -10.78 28.54 -18.04
N LEU A 382 -10.72 27.22 -18.08
CA LEU A 382 -11.75 26.42 -18.74
C LEU A 382 -12.97 26.31 -17.85
N THR A 383 -14.14 26.23 -18.47
CA THR A 383 -15.37 25.92 -17.74
C THR A 383 -15.28 24.47 -17.28
N HIS A 384 -16.10 24.08 -16.31
CA HIS A 384 -16.06 22.70 -15.87
C HIS A 384 -16.32 21.73 -17.04
N ARG A 385 -17.29 22.04 -17.89
CA ARG A 385 -17.58 21.18 -19.04
C ARG A 385 -16.34 21.03 -19.95
N GLN A 386 -15.61 22.12 -20.16
CA GLN A 386 -14.38 22.08 -20.95
C GLN A 386 -13.27 21.30 -20.24
N ARG A 387 -13.16 21.47 -18.93
CA ARG A 387 -12.21 20.68 -18.12
C ARG A 387 -12.48 19.19 -18.27
N LEU A 388 -13.74 18.81 -18.18
CA LEU A 388 -14.14 17.40 -18.30
C LEU A 388 -13.80 16.84 -19.68
N ALA A 389 -14.13 17.60 -20.73
CA ALA A 389 -13.86 17.15 -22.09
C ALA A 389 -12.37 16.91 -22.29
N LYS A 390 -11.55 17.85 -21.81
CA LYS A 390 -10.10 17.73 -21.91
C LYS A 390 -9.59 16.54 -21.10
N ALA A 391 -10.12 16.38 -19.89
CA ALA A 391 -9.72 15.26 -19.03
C ALA A 391 -10.02 13.91 -19.67
N ILE A 392 -11.21 13.78 -20.27
CA ILE A 392 -11.63 12.53 -20.90
C ILE A 392 -10.79 12.26 -22.15
N ALA A 393 -10.53 13.29 -22.95
CA ALA A 393 -9.72 13.13 -24.16
C ALA A 393 -8.34 12.62 -23.80
N GLU A 394 -7.68 13.28 -22.85
CA GLU A 394 -6.32 12.90 -22.47
C GLU A 394 -6.28 11.54 -21.76
N GLY A 395 -7.27 11.27 -20.91
CA GLY A 395 -7.33 10.00 -20.22
C GLY A 395 -7.57 8.83 -21.15
N SER A 396 -8.39 9.04 -22.19
CA SER A 396 -8.64 8.00 -23.16
C SER A 396 -7.39 7.65 -23.97
N GLU A 397 -6.46 8.60 -24.09
CA GLU A 397 -5.18 8.34 -24.75
C GLU A 397 -4.27 7.44 -23.91
N ILE A 398 -4.56 7.32 -22.63
CA ILE A 398 -3.78 6.47 -21.73
C ILE A 398 -4.50 5.15 -21.44
N HIS A 399 -5.80 5.22 -21.13
CA HIS A 399 -6.56 4.05 -20.72
C HIS A 399 -7.57 3.51 -21.76
N GLY A 400 -7.61 4.13 -22.94
CA GLY A 400 -8.44 3.64 -24.03
C GLY A 400 -9.88 4.15 -24.00
N GLU A 401 -10.68 3.64 -24.93
CA GLU A 401 -12.08 4.05 -25.08
C GLU A 401 -12.92 3.84 -23.84
N LYS A 402 -12.58 2.83 -23.04
CA LYS A 402 -13.31 2.56 -21.80
C LYS A 402 -13.34 3.79 -20.89
N TYR A 403 -12.34 4.65 -21.00
CA TYR A 403 -12.27 5.88 -20.19
C TYR A 403 -13.44 6.83 -20.46
N THR A 404 -14.02 6.73 -21.65
CA THR A 404 -15.09 7.62 -22.07
C THR A 404 -16.48 7.07 -21.76
N ARG A 405 -16.56 5.83 -21.28
CA ARG A 405 -17.83 5.15 -21.08
C ARG A 405 -18.21 5.09 -19.60
N ASP A 406 -19.50 4.89 -19.35
CA ASP A 406 -20.03 4.69 -18.00
C ASP A 406 -19.80 5.89 -17.08
N ILE A 407 -19.82 7.09 -17.63
CA ILE A 407 -19.63 8.30 -16.83
C ILE A 407 -20.96 8.79 -16.25
N SER A 408 -21.01 8.89 -14.92
CA SER A 408 -22.22 9.32 -14.22
C SER A 408 -22.25 10.82 -13.94
N SER A 409 -21.16 11.34 -13.37
CA SER A 409 -21.08 12.77 -13.02
C SER A 409 -19.63 13.15 -12.77
N SER A 410 -19.39 14.44 -12.56
CA SER A 410 -18.03 14.93 -12.34
C SER A 410 -18.05 16.22 -11.54
N PHE A 411 -16.89 16.58 -11.00
CA PHE A 411 -16.75 17.76 -10.17
C PHE A 411 -15.29 18.15 -10.12
N SER A 412 -15.00 19.43 -10.34
CA SER A 412 -13.62 19.92 -10.36
C SER A 412 -13.40 21.08 -9.41
N GLY A 413 -12.16 21.23 -8.98
CA GLY A 413 -11.71 22.40 -8.26
C GLY A 413 -10.40 22.89 -8.83
N SER A 414 -10.21 24.21 -8.85
CA SER A 414 -8.93 24.79 -9.20
C SER A 414 -8.63 25.81 -8.10
N TRP A 415 -7.58 25.55 -7.35
CA TRP A 415 -7.37 26.26 -6.08
C TRP A 415 -7.10 27.76 -6.23
N ARG A 416 -6.43 28.17 -7.30
CA ARG A 416 -6.24 29.62 -7.55
C ARG A 416 -7.55 30.35 -7.79
N ARG A 417 -8.55 29.62 -8.29
CA ARG A 417 -9.87 30.17 -8.60
C ARG A 417 -10.91 29.92 -7.48
N THR A 418 -10.44 29.49 -6.31
CA THR A 418 -11.32 29.09 -5.23
C THR A 418 -11.33 30.17 -4.14
N LYS A 419 -12.53 30.64 -3.81
CA LYS A 419 -12.72 31.70 -2.81
C LYS A 419 -12.15 31.27 -1.46
N TYR A 420 -11.43 32.19 -0.84
CA TYR A 420 -10.80 32.02 0.48
C TYR A 420 -9.57 31.14 0.45
N SER A 421 -9.14 30.73 -0.75
CA SER A 421 -7.87 30.05 -0.93
C SER A 421 -7.01 30.83 -1.91
N GLU A 422 -7.47 30.91 -3.16
CA GLU A 422 -6.74 31.62 -4.24
C GLU A 422 -5.30 31.15 -4.41
N SER A 423 -5.05 29.91 -4.04
CA SER A 423 -3.73 29.30 -4.10
C SER A 423 -3.83 27.88 -3.56
N ALA A 424 -3.03 26.99 -4.11
CA ALA A 424 -2.90 25.64 -3.58
C ALA A 424 -1.93 25.59 -2.40
N TRP A 425 -0.88 26.40 -2.46
CA TRP A 425 0.19 26.44 -1.46
C TRP A 425 1.19 27.51 -1.87
N ALA A 426 2.03 27.92 -0.92
CA ALA A 426 2.96 29.02 -1.13
C ALA A 426 4.32 28.54 -1.60
N ASN A 427 4.93 29.34 -2.47
CA ASN A 427 6.36 29.22 -2.79
C ASN A 427 7.04 30.52 -2.40
N TRP A 428 7.96 30.46 -1.45
CA TRP A 428 8.64 31.66 -0.98
C TRP A 428 9.70 32.11 -1.98
N ALA A 429 9.63 33.37 -2.38
CA ALA A 429 10.62 33.94 -3.29
C ALA A 429 12.00 33.89 -2.63
N GLY A 430 13.00 33.37 -3.36
CA GLY A 430 14.35 33.20 -2.82
C GLY A 430 14.62 31.86 -2.14
N SER A 431 13.64 30.96 -2.14
CA SER A 431 13.81 29.63 -1.56
C SER A 431 14.51 28.70 -2.54
N ALA A 439 15.76 28.96 5.41
CA ALA A 439 14.61 29.85 5.41
C ALA A 439 14.94 31.21 4.79
N THR A 440 13.98 31.77 4.06
CA THR A 440 14.13 33.11 3.51
C THR A 440 13.91 34.16 4.61
N PRO A 441 14.45 35.38 4.44
CA PRO A 441 14.26 36.42 5.46
C PRO A 441 12.79 36.73 5.73
N GLU A 442 11.96 36.67 4.70
CA GLU A 442 10.54 37.00 4.83
C GLU A 442 9.81 35.94 5.66
N TYR A 443 10.12 34.68 5.41
CA TYR A 443 9.60 33.55 6.20
C TYR A 443 10.01 33.74 7.66
N GLU A 444 11.29 33.98 7.91
CA GLU A 444 11.79 34.18 9.27
C GLU A 444 11.09 35.33 9.98
N LYS A 445 10.90 36.43 9.26
CA LYS A 445 10.26 37.62 9.83
C LYS A 445 8.86 37.28 10.34
N LEU A 446 8.13 36.48 9.57
CA LEU A 446 6.72 36.21 9.86
C LEU A 446 6.53 35.17 10.97
N LEU A 447 7.62 34.57 11.46
CA LEU A 447 7.59 33.72 12.65
C LEU A 447 7.50 34.53 13.93
N GLU A 448 7.85 35.81 13.86
CA GLU A 448 7.81 36.70 15.02
C GLU A 448 6.39 37.21 15.25
N PRO A 449 5.99 37.33 16.53
CA PRO A 449 4.70 37.98 16.77
C PRO A 449 4.74 39.44 16.34
N VAL A 450 3.59 39.95 15.91
CA VAL A 450 3.41 41.38 15.71
C VAL A 450 2.59 41.84 16.89
N ASP A 451 3.27 42.25 17.96
CA ASP A 451 2.64 42.50 19.26
C ASP A 451 1.83 41.27 19.70
N LYS A 452 0.50 41.30 19.61
CA LYS A 452 -0.34 40.18 20.06
C LYS A 452 -0.89 39.32 18.90
N ILE A 453 -0.44 39.59 17.68
CA ILE A 453 -0.84 38.83 16.51
C ILE A 453 0.26 37.82 16.14
N TYR A 454 -0.14 36.56 16.01
CA TYR A 454 0.76 35.49 15.57
C TYR A 454 0.24 34.94 14.25
N PHE A 455 1.13 34.74 13.28
CA PHE A 455 0.76 34.06 12.04
C PHE A 455 1.04 32.57 12.17
N ALA A 456 0.17 31.76 11.58
CA ALA A 456 0.36 30.32 11.53
C ALA A 456 -0.21 29.78 10.24
N GLY A 457 0.31 28.66 9.80
CA GLY A 457 -0.18 28.00 8.59
C GLY A 457 0.90 27.17 7.95
N ASP A 458 0.54 26.38 6.94
CA ASP A 458 1.54 25.50 6.34
C ASP A 458 2.68 26.27 5.67
N HIS A 459 2.40 27.49 5.21
CA HIS A 459 3.45 28.31 4.58
C HIS A 459 4.56 28.71 5.55
N LEU A 460 4.29 28.68 6.86
CA LEU A 460 5.31 29.00 7.87
C LEU A 460 5.87 27.72 8.48
N SER A 461 6.10 26.74 7.61
CA SER A 461 6.66 25.46 8.01
C SER A 461 7.62 24.95 6.95
N ASN A 462 8.31 23.87 7.29
CA ASN A 462 9.16 23.14 6.38
C ASN A 462 8.46 21.92 5.79
N ALA A 463 7.13 21.97 5.80
CA ALA A 463 6.30 20.97 5.14
C ALA A 463 5.13 21.70 4.49
N ILE A 464 5.46 22.65 3.63
CA ILE A 464 4.44 23.40 2.91
C ILE A 464 3.68 22.44 2.01
N ALA A 465 2.36 22.60 1.93
CA ALA A 465 1.48 21.73 1.17
C ALA A 465 1.27 20.38 1.84
N TRP A 466 1.54 20.30 3.14
CA TRP A 466 1.20 19.13 3.96
C TRP A 466 0.49 19.59 5.21
N GLN A 467 -0.54 18.85 5.61
CA GLN A 467 -1.24 19.15 6.85
C GLN A 467 -0.26 19.19 8.02
N HIS A 468 0.76 18.32 7.98
CA HIS A 468 1.79 18.33 9.01
C HIS A 468 2.38 19.73 9.22
N GLY A 469 2.61 20.45 8.13
CA GLY A 469 3.14 21.81 8.22
C GLY A 469 2.19 22.76 8.95
N ALA A 470 0.90 22.70 8.62
CA ALA A 470 -0.10 23.53 9.29
C ALA A 470 -0.24 23.16 10.77
N LEU A 471 -0.24 21.86 11.07
CA LEU A 471 -0.44 21.39 12.42
C LEU A 471 0.75 21.69 13.33
N THR A 472 1.97 21.48 12.82
CA THR A 472 3.16 21.85 13.61
C THR A 472 3.27 23.35 13.78
N SER A 473 2.87 24.12 12.77
CA SER A 473 2.83 25.58 12.90
C SER A 473 1.88 26.00 14.02
N ALA A 474 0.67 25.46 14.01
CA ALA A 474 -0.31 25.72 15.07
C ALA A 474 0.25 25.39 16.44
N ARG A 475 0.85 24.22 16.58
CA ARG A 475 1.38 23.79 17.86
C ARG A 475 2.51 24.69 18.35
N ASP A 476 3.39 25.11 17.46
CA ASP A 476 4.48 26.00 17.83
C ASP A 476 3.95 27.36 18.30
N VAL A 477 2.97 27.89 17.58
CA VAL A 477 2.39 29.20 17.91
C VAL A 477 1.63 29.13 19.24
N VAL A 478 0.85 28.09 19.45
CA VAL A 478 0.16 27.91 20.72
C VAL A 478 1.16 27.82 21.88
N THR A 479 2.26 27.09 21.67
CA THR A 479 3.31 27.00 22.66
C THR A 479 3.90 28.38 22.97
N HIS A 480 4.15 29.18 21.95
CA HIS A 480 4.67 30.54 22.14
C HIS A 480 3.71 31.39 22.98
N ILE A 481 2.43 31.37 22.62
CA ILE A 481 1.42 32.13 23.37
C ILE A 481 1.36 31.68 24.82
N HIS A 482 1.35 30.38 25.04
CA HIS A 482 1.28 29.83 26.40
C HIS A 482 2.49 30.24 27.23
N GLU A 483 3.69 30.14 26.66
CA GLU A 483 4.92 30.52 27.36
C GLU A 483 4.93 32.00 27.73
N ARG A 484 4.39 32.83 26.84
CA ARG A 484 4.29 34.26 27.07
C ARG A 484 3.28 34.59 28.17
N VAL A 485 2.12 33.92 28.12
CA VAL A 485 1.10 34.08 29.16
C VAL A 485 1.62 33.65 30.53
N ALA A 486 2.35 32.54 30.56
CA ALA A 486 2.98 32.06 31.79
C ALA A 486 4.09 32.99 32.28
N GLN A 487 4.60 33.81 31.36
CA GLN A 487 5.62 34.84 31.65
C GLN A 487 6.99 34.18 31.69
N GLU A 488 7.41 33.57 32.69
N ASP B 3 -19.86 -17.32 -16.53
CA ASP B 3 -20.15 -18.70 -16.05
C ASP B 3 -19.08 -19.67 -16.53
N LEU B 4 -18.57 -20.49 -15.61
CA LEU B 4 -17.51 -21.44 -15.92
C LEU B 4 -18.00 -22.51 -16.89
N ILE B 5 -19.17 -23.07 -16.59
CA ILE B 5 -19.77 -24.12 -17.40
C ILE B 5 -21.28 -23.89 -17.49
N GLY B 6 -21.89 -24.50 -18.51
CA GLY B 6 -23.35 -24.48 -18.64
C GLY B 6 -24.01 -25.43 -17.65
N LYS B 7 -25.33 -25.49 -17.70
CA LYS B 7 -26.10 -26.36 -16.82
C LYS B 7 -25.95 -27.81 -17.26
N VAL B 8 -25.75 -28.69 -16.29
CA VAL B 8 -25.66 -30.12 -16.57
C VAL B 8 -27.06 -30.67 -16.80
N LYS B 9 -27.15 -31.63 -17.71
CA LYS B 9 -28.41 -32.29 -17.99
C LYS B 9 -28.48 -33.58 -17.20
N GLY B 10 -29.60 -33.82 -16.54
CA GLY B 10 -29.80 -35.05 -15.78
C GLY B 10 -29.16 -35.02 -14.40
N SER B 11 -29.01 -36.21 -13.81
CA SER B 11 -28.56 -36.37 -12.44
C SER B 11 -27.12 -36.88 -12.42
N HIS B 12 -26.23 -36.07 -11.83
CA HIS B 12 -24.82 -36.40 -11.75
C HIS B 12 -24.25 -35.92 -10.43
N SER B 13 -23.44 -36.77 -9.80
CA SER B 13 -22.93 -36.51 -8.47
C SER B 13 -21.41 -36.50 -8.43
N VAL B 14 -20.87 -35.68 -7.53
CA VAL B 14 -19.44 -35.60 -7.29
C VAL B 14 -19.20 -35.58 -5.79
N VAL B 15 -18.18 -36.31 -5.36
CA VAL B 15 -17.72 -36.22 -3.96
C VAL B 15 -16.38 -35.49 -4.00
N VAL B 16 -16.25 -34.48 -3.14
CA VAL B 16 -15.04 -33.65 -3.09
C VAL B 16 -14.34 -33.95 -1.78
N LEU B 17 -13.08 -34.40 -1.88
CA LEU B 17 -12.29 -34.73 -0.72
C LEU B 17 -11.44 -33.51 -0.37
N GLY B 18 -11.74 -32.92 0.78
CA GLY B 18 -11.09 -31.71 1.25
C GLY B 18 -11.93 -30.48 0.98
N GLY B 19 -12.14 -29.68 2.03
CA GLY B 19 -12.85 -28.41 1.95
C GLY B 19 -11.92 -27.23 2.19
N GLY B 20 -10.74 -27.27 1.58
CA GLY B 20 -9.90 -26.11 1.40
C GLY B 20 -10.34 -25.35 0.16
N PRO B 21 -9.53 -24.38 -0.30
CA PRO B 21 -9.90 -23.60 -1.47
C PRO B 21 -10.25 -24.41 -2.72
N ALA B 22 -9.44 -25.40 -3.07
CA ALA B 22 -9.74 -26.18 -4.28
C ALA B 22 -11.05 -26.94 -4.16
N GLY B 23 -11.27 -27.57 -3.00
CA GLY B 23 -12.47 -28.36 -2.80
C GLY B 23 -13.73 -27.52 -2.76
N LEU B 24 -13.67 -26.41 -2.03
CA LEU B 24 -14.82 -25.52 -1.92
C LEU B 24 -15.12 -24.84 -3.26
N CYS B 25 -14.11 -24.40 -3.98
CA CYS B 25 -14.32 -23.83 -5.30
C CYS B 25 -14.96 -24.86 -6.24
N SER B 26 -14.44 -26.09 -6.22
CA SER B 26 -15.01 -27.17 -7.05
C SER B 26 -16.49 -27.37 -6.75
N ALA B 27 -16.82 -27.52 -5.47
CA ALA B 27 -18.20 -27.76 -5.07
C ALA B 27 -19.10 -26.59 -5.45
N PHE B 28 -18.61 -25.37 -5.24
CA PHE B 28 -19.37 -24.17 -5.58
C PHE B 28 -19.72 -24.12 -7.06
N GLU B 29 -18.74 -24.37 -7.92
CA GLU B 29 -18.97 -24.30 -9.35
C GLU B 29 -19.82 -25.47 -9.86
N LEU B 30 -19.60 -26.65 -9.32
CA LEU B 30 -20.42 -27.82 -9.70
C LEU B 30 -21.88 -27.60 -9.29
N GLN B 31 -22.11 -27.09 -8.10
CA GLN B 31 -23.47 -26.84 -7.62
C GLN B 31 -24.17 -25.80 -8.49
N LYS B 32 -23.46 -24.75 -8.88
CA LYS B 32 -24.00 -23.72 -9.77
C LYS B 32 -24.57 -24.34 -11.05
N ALA B 33 -23.88 -25.36 -11.56
CA ALA B 33 -24.24 -26.03 -12.81
C ALA B 33 -25.28 -27.14 -12.64
N GLY B 34 -25.67 -27.44 -11.40
CA GLY B 34 -26.76 -28.38 -11.15
C GLY B 34 -26.33 -29.79 -10.75
N TYR B 35 -25.04 -29.97 -10.44
CA TYR B 35 -24.55 -31.25 -9.92
C TYR B 35 -24.95 -31.43 -8.46
N LYS B 36 -25.17 -32.68 -8.07
CA LYS B 36 -25.18 -33.06 -6.66
C LYS B 36 -23.73 -33.10 -6.20
N VAL B 37 -23.43 -32.40 -5.11
CA VAL B 37 -22.07 -32.37 -4.58
C VAL B 37 -22.06 -32.59 -3.08
N THR B 38 -21.05 -33.32 -2.60
CA THR B 38 -20.80 -33.46 -1.18
C THR B 38 -19.32 -33.23 -0.93
N VAL B 39 -19.01 -32.34 0.02
CA VAL B 39 -17.63 -32.08 0.42
C VAL B 39 -17.35 -32.77 1.75
N LEU B 40 -16.21 -33.47 1.82
CA LEU B 40 -15.77 -34.12 3.05
C LEU B 40 -14.51 -33.42 3.52
N GLU B 41 -14.58 -32.78 4.69
CA GLU B 41 -13.46 -32.02 5.22
C GLU B 41 -13.10 -32.55 6.59
N ALA B 42 -11.83 -32.90 6.78
CA ALA B 42 -11.35 -33.51 8.02
C ALA B 42 -11.40 -32.56 9.21
N ARG B 43 -11.10 -31.28 8.99
CA ARG B 43 -11.10 -30.30 10.06
C ARG B 43 -12.51 -29.85 10.40
N THR B 44 -12.60 -29.07 11.47
CA THR B 44 -13.88 -28.49 11.89
C THR B 44 -14.00 -27.03 11.43
N ARG B 45 -13.25 -26.68 10.40
CA ARG B 45 -13.31 -25.36 9.77
C ARG B 45 -13.09 -25.54 8.27
N PRO B 46 -13.62 -24.61 7.46
CA PRO B 46 -13.32 -24.58 6.03
C PRO B 46 -12.04 -23.81 5.75
N GLY B 47 -11.31 -24.16 4.70
CA GLY B 47 -10.21 -23.32 4.23
C GLY B 47 -8.82 -23.94 4.19
N GLY B 48 -8.59 -25.02 4.93
CA GLY B 48 -7.32 -25.75 4.84
C GLY B 48 -6.11 -24.92 5.23
N ARG B 49 -5.19 -24.74 4.29
CA ARG B 49 -4.00 -23.92 4.55
C ARG B 49 -4.31 -22.42 4.60
N VAL B 50 -5.54 -22.03 4.30
CA VAL B 50 -6.05 -20.71 4.65
C VAL B 50 -6.67 -20.84 6.03
N TRP B 51 -5.95 -20.34 7.02
CA TRP B 51 -6.28 -20.51 8.43
C TRP B 51 -6.00 -19.18 9.13
N THR B 52 -7.01 -18.63 9.80
CA THR B 52 -6.89 -17.36 10.51
C THR B 52 -7.07 -17.64 11.98
N ALA B 53 -6.05 -17.29 12.78
CA ALA B 53 -6.08 -17.50 14.24
C ALA B 53 -6.75 -16.32 14.94
N ARG B 54 -7.76 -16.61 15.76
CA ARG B 54 -8.45 -15.62 16.57
C ARG B 54 -8.64 -16.15 17.98
N GLY B 55 -9.07 -15.28 18.89
CA GLY B 55 -9.44 -15.73 20.22
C GLY B 55 -10.37 -16.93 20.15
N GLY B 56 -10.04 -17.97 20.89
CA GLY B 56 -10.80 -19.22 20.87
C GLY B 56 -10.26 -20.28 19.93
N SER B 57 -9.41 -19.92 18.96
CA SER B 57 -8.80 -20.91 18.08
C SER B 57 -7.97 -21.89 18.90
N GLU B 58 -8.19 -23.18 18.68
CA GLU B 58 -7.43 -24.22 19.37
C GLU B 58 -6.87 -25.18 18.34
N GLU B 59 -5.62 -25.58 18.50
CA GLU B 59 -5.00 -26.53 17.58
C GLU B 59 -4.07 -27.44 18.35
N THR B 60 -4.19 -28.75 18.10
CA THR B 60 -3.25 -29.72 18.62
C THR B 60 -2.39 -30.17 17.45
N ASP B 61 -1.08 -29.96 17.55
CA ASP B 61 -0.18 -30.28 16.44
C ASP B 61 0.23 -31.76 16.51
N LEU B 62 1.05 -32.19 15.55
CA LEU B 62 1.40 -33.62 15.46
C LEU B 62 2.38 -34.08 16.54
N SER B 63 2.94 -33.15 17.30
CA SER B 63 3.73 -33.49 18.49
C SER B 63 2.83 -33.67 19.73
N GLY B 64 1.55 -33.38 19.60
CA GLY B 64 0.60 -33.48 20.71
C GLY B 64 0.50 -32.21 21.56
N GLU B 65 1.16 -31.13 21.14
CA GLU B 65 1.05 -29.87 21.85
C GLU B 65 -0.22 -29.13 21.43
N THR B 66 -1.01 -28.71 22.41
CA THR B 66 -2.23 -27.96 22.16
C THR B 66 -2.01 -26.50 22.50
N GLN B 67 -2.32 -25.63 21.54
CA GLN B 67 -2.30 -24.19 21.76
C GLN B 67 -3.72 -23.67 21.73
N LYS B 68 -4.00 -22.70 22.60
CA LYS B 68 -5.28 -22.03 22.65
C LYS B 68 -5.04 -20.53 22.48
N CYS B 69 -5.54 -19.98 21.37
CA CYS B 69 -5.36 -18.56 21.07
C CYS B 69 -6.30 -17.71 21.95
N THR B 70 -5.76 -16.62 22.48
CA THR B 70 -6.53 -15.73 23.35
C THR B 70 -6.45 -14.28 22.86
N PHE B 71 -6.27 -14.09 21.55
CA PHE B 71 -6.28 -12.74 21.00
C PHE B 71 -7.58 -12.02 21.35
N SER B 72 -7.46 -10.72 21.56
CA SER B 72 -8.61 -9.85 21.82
C SER B 72 -9.62 -9.89 20.69
N GLU B 73 -10.87 -9.58 21.02
CA GLU B 73 -11.96 -9.61 20.06
C GLU B 73 -11.62 -8.75 18.84
N GLY B 74 -11.77 -9.34 17.66
CA GLY B 74 -11.50 -8.64 16.40
C GLY B 74 -10.05 -8.67 15.91
N HIS B 75 -9.16 -9.23 16.74
CA HIS B 75 -7.75 -9.31 16.42
C HIS B 75 -7.39 -10.72 15.98
N PHE B 76 -6.52 -10.80 14.98
CA PHE B 76 -6.22 -12.07 14.34
C PHE B 76 -4.91 -11.97 13.57
N TYR B 77 -4.39 -13.11 13.14
CA TYR B 77 -3.45 -13.10 12.02
C TYR B 77 -3.68 -14.35 11.18
N ASN B 78 -3.29 -14.24 9.92
CA ASN B 78 -3.36 -15.33 8.96
C ASN B 78 -2.15 -16.25 9.13
N VAL B 79 -2.39 -17.48 9.58
CA VAL B 79 -1.31 -18.45 9.81
C VAL B 79 -0.81 -19.02 8.49
N GLY B 80 -1.69 -19.06 7.48
CA GLY B 80 -1.33 -19.43 6.13
C GLY B 80 -1.48 -18.23 5.21
N ALA B 81 -2.30 -18.38 4.17
CA ALA B 81 -2.45 -17.33 3.17
C ALA B 81 -2.82 -15.98 3.75
N THR B 82 -2.14 -14.93 3.30
CA THR B 82 -2.36 -13.60 3.84
C THR B 82 -2.43 -12.46 2.83
N ARG B 83 -1.89 -12.61 1.63
CA ARG B 83 -1.82 -11.49 0.69
C ARG B 83 -2.15 -11.96 -0.73
N ILE B 84 -2.69 -11.04 -1.53
CA ILE B 84 -3.20 -11.39 -2.85
C ILE B 84 -2.82 -10.30 -3.85
N PRO B 85 -2.13 -10.67 -4.95
CA PRO B 85 -1.85 -9.70 -5.99
C PRO B 85 -3.05 -9.48 -6.91
N GLN B 86 -2.99 -8.39 -7.67
CA GLN B 86 -4.14 -7.92 -8.44
C GLN B 86 -4.60 -8.84 -9.56
N SER B 87 -3.71 -9.69 -10.06
CA SER B 87 -4.03 -10.55 -11.20
C SER B 87 -4.71 -11.86 -10.79
N HIS B 88 -4.73 -12.17 -9.50
CA HIS B 88 -5.22 -13.48 -9.07
C HIS B 88 -6.74 -13.57 -9.04
N ILE B 89 -7.24 -14.73 -9.44
CA ILE B 89 -8.68 -14.99 -9.50
C ILE B 89 -9.31 -14.99 -8.11
N THR B 90 -8.47 -15.10 -7.09
CA THR B 90 -8.89 -14.93 -5.71
C THR B 90 -9.69 -13.63 -5.53
N LEU B 91 -9.27 -12.55 -6.18
CA LEU B 91 -10.00 -11.28 -6.06
C LEU B 91 -11.36 -11.33 -6.74
N ASP B 92 -11.44 -12.04 -7.87
CA ASP B 92 -12.71 -12.24 -8.57
C ASP B 92 -13.68 -13.00 -7.67
N TYR B 93 -13.19 -14.03 -6.98
CA TYR B 93 -14.05 -14.75 -6.04
C TYR B 93 -14.46 -13.91 -4.83
N CYS B 94 -13.58 -13.03 -4.34
CA CYS B 94 -14.00 -12.11 -3.27
C CYS B 94 -15.18 -11.26 -3.74
N ARG B 95 -15.13 -10.77 -4.96
CA ARG B 95 -16.26 -9.99 -5.49
C ARG B 95 -17.51 -10.86 -5.58
N GLU B 96 -17.38 -12.04 -6.18
CA GLU B 96 -18.52 -12.95 -6.35
C GLU B 96 -19.16 -13.31 -4.99
N LEU B 97 -18.32 -13.48 -3.96
CA LEU B 97 -18.79 -13.92 -2.65
C LEU B 97 -19.15 -12.76 -1.72
N GLY B 98 -18.89 -11.53 -2.13
CA GLY B 98 -19.20 -10.35 -1.30
C GLY B 98 -18.26 -10.20 -0.11
N VAL B 99 -17.02 -10.61 -0.29
CA VAL B 99 -16.02 -10.57 0.78
C VAL B 99 -15.18 -9.31 0.60
N GLU B 100 -15.30 -8.38 1.55
CA GLU B 100 -14.63 -7.09 1.46
C GLU B 100 -13.12 -7.26 1.54
N ILE B 101 -12.41 -6.56 0.67
CA ILE B 101 -10.95 -6.55 0.70
C ILE B 101 -10.42 -5.17 1.07
N GLN B 102 -9.17 -5.16 1.51
CA GLN B 102 -8.46 -3.94 1.86
C GLN B 102 -7.01 -4.07 1.37
N GLY B 103 -6.30 -2.95 1.33
CA GLY B 103 -4.89 -2.98 1.01
C GLY B 103 -4.07 -3.78 2.03
N PHE B 104 -3.11 -4.55 1.53
CA PHE B 104 -2.13 -5.25 2.35
C PHE B 104 -0.80 -4.53 2.17
N GLY B 105 -0.16 -4.13 3.25
CA GLY B 105 1.12 -3.42 3.17
C GLY B 105 2.25 -4.39 2.89
N ASN B 106 2.64 -4.50 1.63
CA ASN B 106 3.72 -5.41 1.23
C ASN B 106 5.05 -4.72 0.92
N GLN B 107 5.10 -3.42 1.15
CA GLN B 107 6.32 -2.63 0.96
C GLN B 107 6.18 -1.46 1.92
N ASN B 108 7.24 -1.18 2.67
CA ASN B 108 7.22 -0.07 3.61
C ASN B 108 8.62 0.51 3.76
N ALA B 109 8.72 1.79 3.51
CA ALA B 109 9.96 2.54 3.64
C ALA B 109 10.49 2.58 5.08
N ASN B 110 9.59 2.43 6.07
CA ASN B 110 9.95 2.61 7.47
C ASN B 110 10.27 1.33 8.24
N THR B 111 9.98 0.16 7.66
CA THR B 111 10.40 -1.09 8.28
C THR B 111 11.91 -1.27 8.06
N PHE B 112 12.47 -2.25 8.76
CA PHE B 112 13.92 -2.36 8.85
C PHE B 112 14.45 -3.55 8.07
N VAL B 113 15.69 -3.43 7.62
CA VAL B 113 16.50 -4.57 7.23
C VAL B 113 17.61 -4.73 8.26
N ASN B 114 18.04 -5.97 8.47
CA ASN B 114 19.02 -6.27 9.51
C ASN B 114 19.73 -7.56 9.13
N TYR B 115 21.00 -7.46 8.75
CA TYR B 115 21.77 -8.60 8.24
C TYR B 115 23.15 -8.66 8.86
N GLN B 116 23.69 -9.87 8.99
CA GLN B 116 25.07 -10.07 9.41
C GLN B 116 25.97 -9.83 8.22
N SER B 117 27.17 -9.29 8.47
CA SER B 117 28.16 -9.06 7.44
C SER B 117 29.50 -8.77 8.10
N ASP B 118 30.56 -8.74 7.30
CA ASP B 118 31.88 -8.38 7.80
C ASP B 118 32.06 -6.87 7.66
N THR B 119 31.07 -6.13 8.16
CA THR B 119 31.09 -4.67 8.19
C THR B 119 30.52 -4.22 9.53
N SER B 120 30.60 -2.93 9.82
CA SER B 120 30.04 -2.41 11.06
C SER B 120 28.51 -2.33 11.02
N LEU B 121 27.91 -2.60 9.85
CA LEU B 121 26.45 -2.67 9.74
C LEU B 121 25.93 -4.03 10.19
N SER B 122 26.82 -4.97 10.52
CA SER B 122 26.41 -6.30 10.93
C SER B 122 25.46 -6.24 12.11
N GLY B 123 24.26 -6.77 11.92
CA GLY B 123 23.27 -6.81 12.99
C GLY B 123 22.60 -5.48 13.30
N GLN B 124 22.86 -4.46 12.46
CA GLN B 124 22.33 -3.11 12.66
C GLN B 124 21.04 -2.95 11.84
N SER B 125 20.00 -2.41 12.46
CA SER B 125 18.76 -2.14 11.74
C SER B 125 18.86 -0.84 10.96
N VAL B 126 18.45 -0.91 9.69
CA VAL B 126 18.45 0.24 8.79
C VAL B 126 17.09 0.28 8.12
N THR B 127 16.47 1.45 8.03
CA THR B 127 15.18 1.51 7.36
C THR B 127 15.34 1.19 5.88
N TYR B 128 14.29 0.66 5.28
CA TYR B 128 14.32 0.44 3.84
C TYR B 128 14.61 1.73 3.08
N ARG B 129 14.04 2.86 3.48
CA ARG B 129 14.27 4.06 2.69
C ARG B 129 15.74 4.50 2.73
N ALA B 130 16.39 4.36 3.88
CA ALA B 130 17.80 4.69 4.00
C ALA B 130 18.66 3.73 3.19
N ALA B 131 18.36 2.43 3.30
CA ALA B 131 19.10 1.42 2.56
C ALA B 131 18.94 1.60 1.04
N LYS B 132 17.72 1.90 0.61
CA LYS B 132 17.44 2.11 -0.81
C LYS B 132 18.13 3.37 -1.33
N ALA B 133 18.03 4.46 -0.58
CA ALA B 133 18.64 5.71 -1.01
C ALA B 133 20.15 5.54 -1.21
N ASP B 134 20.80 4.86 -0.27
CA ASP B 134 22.25 4.64 -0.38
C ASP B 134 22.60 3.69 -1.53
N THR B 135 21.85 2.59 -1.64
CA THR B 135 22.13 1.60 -2.67
C THR B 135 21.92 2.21 -4.05
N PHE B 136 20.77 2.84 -4.25
CA PHE B 136 20.45 3.41 -5.56
C PHE B 136 21.29 4.65 -5.83
N GLY B 137 21.63 5.39 -4.77
CA GLY B 137 22.54 6.53 -4.91
C GLY B 137 23.89 6.12 -5.47
N TYR B 138 24.53 5.16 -4.81
CA TYR B 138 25.86 4.72 -5.27
C TYR B 138 25.80 3.97 -6.59
N MET B 139 24.76 3.15 -6.80
CA MET B 139 24.60 2.45 -8.08
C MET B 139 24.51 3.46 -9.23
N SER B 140 23.73 4.50 -9.02
CA SER B 140 23.55 5.55 -10.01
C SER B 140 24.85 6.33 -10.23
N GLU B 141 25.55 6.64 -9.15
CA GLU B 141 26.83 7.33 -9.26
C GLU B 141 27.82 6.49 -10.09
N LEU B 142 27.89 5.20 -9.80
CA LEU B 142 28.82 4.32 -10.50
C LEU B 142 28.51 4.21 -11.98
N LEU B 143 27.24 4.02 -12.32
CA LEU B 143 26.88 3.90 -13.73
C LEU B 143 27.07 5.23 -14.47
N LYS B 144 26.76 6.34 -13.82
CA LYS B 144 26.99 7.65 -14.41
C LYS B 144 28.48 7.89 -14.66
N LYS B 145 29.31 7.50 -13.69
CA LYS B 145 30.76 7.61 -13.83
C LYS B 145 31.27 6.80 -15.03
N ALA B 146 30.85 5.54 -15.12
CA ALA B 146 31.25 4.69 -16.24
C ALA B 146 30.81 5.27 -17.58
N THR B 147 29.59 5.80 -17.62
CA THR B 147 29.05 6.42 -18.82
C THR B 147 29.89 7.65 -19.21
N ASP B 148 30.14 8.54 -18.25
CA ASP B 148 30.94 9.75 -18.49
C ASP B 148 32.37 9.41 -18.90
N GLN B 149 32.90 8.32 -18.37
CA GLN B 149 34.27 7.85 -18.68
C GLN B 149 34.41 7.27 -20.08
N GLY B 150 33.28 6.99 -20.74
CA GLY B 150 33.28 6.44 -22.08
C GLY B 150 33.22 4.93 -22.14
N ALA B 151 33.03 4.28 -20.98
CA ALA B 151 33.05 2.82 -20.90
C ALA B 151 31.95 2.14 -21.70
N LEU B 152 30.86 2.87 -21.95
CA LEU B 152 29.71 2.32 -22.66
C LEU B 152 29.52 2.93 -24.05
N ASP B 153 30.57 3.56 -24.57
CA ASP B 153 30.49 4.26 -25.86
C ASP B 153 30.19 3.34 -27.05
N GLN B 154 30.51 2.05 -26.92
CA GLN B 154 30.24 1.10 -28.00
C GLN B 154 28.76 0.67 -28.06
N VAL B 155 28.02 0.88 -26.97
CA VAL B 155 26.60 0.47 -26.91
C VAL B 155 25.61 1.63 -26.68
N LEU B 156 26.12 2.82 -26.34
CA LEU B 156 25.26 3.99 -26.13
C LEU B 156 25.76 5.17 -26.97
N SER B 157 24.84 5.78 -27.73
CA SER B 157 25.14 7.01 -28.47
C SER B 157 25.21 8.18 -27.50
N ARG B 158 25.67 9.33 -28.00
CA ARG B 158 25.73 10.55 -27.20
C ARG B 158 24.37 10.87 -26.58
N GLU B 159 23.31 10.74 -27.37
CA GLU B 159 21.96 11.02 -26.93
C GLU B 159 21.49 10.00 -25.90
N ASP B 160 21.85 8.74 -26.09
CA ASP B 160 21.55 7.68 -25.12
C ASP B 160 22.23 7.96 -23.79
N LYS B 161 23.50 8.35 -23.84
CA LYS B 161 24.27 8.67 -22.64
C LYS B 161 23.64 9.82 -21.88
N ASP B 162 23.22 10.86 -22.60
CA ASP B 162 22.62 12.03 -21.96
C ASP B 162 21.29 11.67 -21.28
N ALA B 163 20.47 10.87 -21.96
CA ALA B 163 19.18 10.43 -21.42
C ALA B 163 19.39 9.55 -20.18
N LEU B 164 20.35 8.64 -20.27
CA LEU B 164 20.66 7.76 -19.15
C LEU B 164 21.17 8.56 -17.96
N SER B 165 22.07 9.51 -18.22
CA SER B 165 22.63 10.35 -17.16
C SER B 165 21.53 11.14 -16.44
N GLU B 166 20.59 11.68 -17.18
CA GLU B 166 19.49 12.43 -16.60
C GLU B 166 18.69 11.55 -15.65
N PHE B 167 18.37 10.35 -16.10
CA PHE B 167 17.64 9.40 -15.28
C PHE B 167 18.42 9.05 -14.01
N LEU B 168 19.72 8.79 -14.15
CA LEU B 168 20.53 8.38 -13.01
C LEU B 168 20.65 9.48 -11.97
N SER B 169 20.76 10.72 -12.42
CA SER B 169 20.84 11.84 -11.48
C SER B 169 19.58 11.93 -10.64
N ASP B 170 18.44 11.74 -11.29
CA ASP B 170 17.12 11.74 -10.64
C ASP B 170 16.96 10.51 -9.73
N PHE B 171 17.15 9.34 -10.30
CA PHE B 171 16.95 8.08 -9.59
C PHE B 171 17.85 7.94 -8.36
N GLY B 172 19.10 8.39 -8.46
CA GLY B 172 20.04 8.33 -7.35
C GLY B 172 20.11 9.57 -6.48
N ASP B 173 19.36 10.62 -6.83
CA ASP B 173 19.43 11.92 -6.16
C ASP B 173 20.86 12.44 -6.06
N LEU B 174 21.52 12.44 -7.21
CA LEU B 174 22.94 12.80 -7.27
C LEU B 174 23.12 14.31 -7.21
N SER B 175 24.30 14.73 -6.77
CA SER B 175 24.67 16.14 -6.77
C SER B 175 24.81 16.63 -8.21
N ASP B 176 24.94 17.95 -8.35
CA ASP B 176 25.12 18.54 -9.68
C ASP B 176 26.34 17.96 -10.41
N ASP B 177 27.38 17.57 -9.68
CA ASP B 177 28.57 16.95 -10.29
C ASP B 177 28.57 15.42 -10.33
N GLY B 178 27.40 14.82 -10.09
CA GLY B 178 27.20 13.39 -10.32
C GLY B 178 27.54 12.45 -9.18
N ARG B 179 27.65 12.97 -7.96
CA ARG B 179 28.02 12.18 -6.79
C ARG B 179 26.84 11.95 -5.87
N TYR B 180 26.79 10.78 -5.24
CA TYR B 180 25.82 10.55 -4.19
C TYR B 180 26.37 11.04 -2.87
N LEU B 181 25.72 12.06 -2.31
CA LEU B 181 26.16 12.70 -1.07
C LEU B 181 25.11 12.59 0.04
N GLY B 182 24.11 11.73 -0.15
CA GLY B 182 22.99 11.63 0.78
C GLY B 182 21.74 12.21 0.16
N SER B 183 20.64 12.12 0.90
CA SER B 183 19.34 12.47 0.35
C SER B 183 18.29 12.56 1.45
N SER B 184 17.33 13.46 1.27
CA SER B 184 16.13 13.50 2.09
C SER B 184 15.36 12.17 2.00
N ARG B 185 15.59 11.40 0.93
CA ARG B 185 14.96 10.11 0.77
C ARG B 185 15.35 9.14 1.88
N ARG B 186 16.49 9.38 2.54
CA ARG B 186 16.90 8.54 3.66
C ARG B 186 16.04 8.72 4.90
N GLY B 187 15.31 9.83 4.97
CA GLY B 187 14.57 10.18 6.17
C GLY B 187 15.37 11.06 7.11
N TYR B 188 14.79 11.26 8.28
CA TYR B 188 15.23 12.31 9.21
C TYR B 188 15.33 11.77 10.62
N ASP B 189 16.41 12.14 11.31
CA ASP B 189 16.53 11.84 12.73
C ASP B 189 15.55 12.69 13.53
N SER B 190 15.44 13.96 13.17
CA SER B 190 14.41 14.85 13.70
C SER B 190 13.55 15.32 12.53
N GLU B 191 12.24 15.17 12.69
CA GLU B 191 11.26 15.42 11.62
C GLU B 191 11.15 16.90 11.31
N PRO B 192 11.23 17.28 10.03
CA PRO B 192 10.98 18.69 9.69
C PRO B 192 9.61 19.15 10.19
N GLY B 193 9.60 20.29 10.86
CA GLY B 193 8.39 20.87 11.43
C GLY B 193 8.19 22.30 10.98
N ALA B 194 7.74 23.15 11.88
CA ALA B 194 7.39 24.51 11.52
C ALA B 194 8.53 25.47 11.86
N GLY B 195 8.44 26.69 11.31
CA GLY B 195 9.41 27.74 11.63
C GLY B 195 10.82 27.32 11.29
N LEU B 196 11.73 27.46 12.25
CA LEU B 196 13.14 27.13 12.01
C LEU B 196 13.46 25.69 12.40
N ASN B 197 12.42 24.88 12.62
CA ASN B 197 12.59 23.45 12.90
C ASN B 197 12.75 22.68 11.58
N PHE B 198 13.94 22.79 10.99
CA PHE B 198 14.21 22.24 9.66
C PHE B 198 14.29 20.73 9.65
N GLY B 199 14.51 20.14 10.82
CA GLY B 199 14.78 18.72 10.90
C GLY B 199 16.22 18.42 10.54
N THR B 200 16.59 17.15 10.70
CA THR B 200 17.96 16.71 10.53
C THR B 200 17.97 15.45 9.67
N GLU B 201 18.49 15.55 8.46
CA GLU B 201 18.59 14.39 7.56
C GLU B 201 19.48 13.32 8.13
N LYS B 202 19.11 12.06 7.95
CA LYS B 202 19.97 10.95 8.31
C LYS B 202 21.12 10.88 7.31
N LYS B 203 22.35 10.76 7.81
CA LYS B 203 23.54 10.79 6.95
C LYS B 203 23.80 9.42 6.31
N PRO B 204 24.37 9.42 5.10
CA PRO B 204 24.57 8.17 4.37
C PRO B 204 25.71 7.28 4.87
N PHE B 205 25.56 5.99 4.65
CA PHE B 205 26.68 5.05 4.76
C PHE B 205 27.64 5.27 3.59
N ALA B 206 28.85 4.76 3.73
CA ALA B 206 29.85 4.80 2.66
C ALA B 206 29.56 3.73 1.62
N MET B 207 30.00 3.94 0.40
CA MET B 207 29.77 2.96 -0.64
C MET B 207 30.25 1.55 -0.28
N GLN B 208 31.47 1.45 0.28
CA GLN B 208 31.99 0.15 0.68
C GLN B 208 31.12 -0.55 1.74
N GLU B 209 30.62 0.23 2.70
CA GLU B 209 29.70 -0.30 3.72
C GLU B 209 28.44 -0.86 3.08
N VAL B 210 27.88 -0.08 2.17
CA VAL B 210 26.64 -0.47 1.51
C VAL B 210 26.83 -1.78 0.75
N ILE B 211 27.84 -1.83 -0.11
CA ILE B 211 28.07 -3.01 -0.95
C ILE B 211 28.41 -4.24 -0.12
N ARG B 212 29.33 -4.09 0.82
CA ARG B 212 29.82 -5.25 1.57
C ARG B 212 28.83 -5.72 2.63
N SER B 213 27.88 -4.87 3.01
CA SER B 213 26.84 -5.27 3.96
C SER B 213 25.70 -6.06 3.32
N GLY B 214 25.60 -6.02 1.99
CA GLY B 214 24.47 -6.66 1.28
C GLY B 214 23.10 -6.13 1.69
N ILE B 215 23.04 -4.86 2.03
CA ILE B 215 21.82 -4.26 2.56
C ILE B 215 20.67 -4.22 1.54
N GLY B 216 20.99 -4.35 0.25
CA GLY B 216 19.97 -4.36 -0.80
C GLY B 216 19.51 -5.74 -1.24
N ARG B 217 19.92 -6.79 -0.53
CA ARG B 217 19.66 -8.16 -0.95
C ARG B 217 18.17 -8.50 -1.09
N ASN B 218 17.30 -7.78 -0.37
CA ASN B 218 15.86 -8.05 -0.44
C ASN B 218 15.06 -7.08 -1.33
N PHE B 219 15.72 -6.12 -1.96
CA PHE B 219 14.98 -5.09 -2.69
C PHE B 219 14.16 -5.67 -3.84
N SER B 220 14.69 -6.68 -4.52
CA SER B 220 14.00 -7.24 -5.69
C SER B 220 12.71 -7.97 -5.34
N PHE B 221 12.50 -8.28 -4.06
CA PHE B 221 11.23 -8.81 -3.61
C PHE B 221 10.06 -7.92 -4.06
N ASP B 222 10.27 -6.61 -4.04
CA ASP B 222 9.25 -5.63 -4.43
C ASP B 222 8.76 -5.82 -5.86
N PHE B 223 9.58 -6.45 -6.70
CA PHE B 223 9.27 -6.63 -8.11
C PHE B 223 8.59 -7.96 -8.42
N GLY B 224 8.48 -8.86 -7.45
CA GLY B 224 7.88 -10.16 -7.73
C GLY B 224 6.51 -9.98 -8.37
N TYR B 225 6.21 -10.75 -9.41
CA TYR B 225 4.92 -10.60 -10.08
C TYR B 225 3.77 -10.74 -9.09
N ASP B 226 3.89 -11.69 -8.16
CA ASP B 226 2.84 -11.98 -7.18
C ASP B 226 2.98 -11.18 -5.89
N GLN B 227 3.96 -10.28 -5.80
CA GLN B 227 4.26 -9.52 -4.57
C GLN B 227 4.24 -8.01 -4.71
N ALA B 228 4.45 -7.49 -5.92
CA ALA B 228 4.51 -6.05 -6.10
C ALA B 228 3.23 -5.38 -5.66
N MET B 229 3.36 -4.22 -5.02
CA MET B 229 2.20 -3.42 -4.68
C MET B 229 1.50 -2.96 -5.97
N MET B 230 0.19 -2.82 -5.95
CA MET B 230 -0.69 -2.97 -4.78
C MET B 230 -1.09 -4.42 -4.51
N MET B 231 -1.11 -4.78 -3.23
CA MET B 231 -1.53 -6.11 -2.76
C MET B 231 -2.73 -5.95 -1.85
N PHE B 232 -3.50 -7.03 -1.72
CA PHE B 232 -4.79 -7.00 -1.03
C PHE B 232 -5.00 -8.19 -0.11
N THR B 233 -5.95 -8.02 0.79
CA THR B 233 -6.30 -9.10 1.70
C THR B 233 -7.73 -8.85 2.21
N PRO B 234 -8.49 -9.92 2.54
CA PRO B 234 -9.83 -9.68 3.07
C PRO B 234 -9.82 -9.01 4.44
N VAL B 235 -10.74 -8.08 4.62
CA VAL B 235 -10.95 -7.44 5.91
C VAL B 235 -11.38 -8.52 6.91
N GLY B 236 -10.66 -8.60 8.01
CA GLY B 236 -11.02 -9.52 9.08
C GLY B 236 -10.53 -10.95 8.92
N GLY B 237 -9.66 -11.22 7.95
CA GLY B 237 -9.00 -12.53 7.82
C GLY B 237 -9.25 -13.21 6.50
N MET B 238 -8.25 -13.94 6.02
CA MET B 238 -8.33 -14.59 4.72
C MET B 238 -9.37 -15.71 4.72
N ASP B 239 -9.61 -16.32 5.87
CA ASP B 239 -10.58 -17.41 5.96
C ASP B 239 -12.01 -16.98 5.62
N ARG B 240 -12.28 -15.69 5.63
CA ARG B 240 -13.62 -15.21 5.31
C ARG B 240 -14.06 -15.59 3.89
N ILE B 241 -13.11 -15.75 2.99
CA ILE B 241 -13.42 -16.24 1.66
C ILE B 241 -14.07 -17.62 1.73
N TYR B 242 -13.55 -18.48 2.61
CA TYR B 242 -13.93 -19.89 2.66
C TYR B 242 -15.17 -20.11 3.53
N TYR B 243 -15.38 -19.28 4.53
CA TYR B 243 -16.69 -19.23 5.19
C TYR B 243 -17.78 -18.75 4.22
N ALA B 244 -17.46 -17.81 3.34
CA ALA B 244 -18.43 -17.37 2.31
C ALA B 244 -18.74 -18.50 1.31
N PHE B 245 -17.71 -19.20 0.83
CA PHE B 245 -17.95 -20.37 -0.03
C PHE B 245 -18.85 -21.37 0.72
N GLN B 246 -18.53 -21.66 1.98
CA GLN B 246 -19.30 -22.59 2.78
C GLN B 246 -20.77 -22.22 2.79
N ASP B 247 -21.07 -20.96 3.03
CA ASP B 247 -22.46 -20.51 3.13
C ASP B 247 -23.18 -20.60 1.80
N ARG B 248 -22.47 -20.39 0.69
CA ARG B 248 -23.07 -20.51 -0.64
C ARG B 248 -23.33 -21.97 -1.01
N ILE B 249 -22.44 -22.86 -0.60
CA ILE B 249 -22.58 -24.28 -0.86
C ILE B 249 -23.69 -24.90 0.00
N GLY B 250 -23.77 -24.46 1.26
CA GLY B 250 -24.75 -24.96 2.21
C GLY B 250 -24.11 -26.06 3.04
N THR B 251 -24.15 -25.89 4.37
CA THR B 251 -23.57 -26.88 5.27
C THR B 251 -24.23 -28.27 5.19
N ASP B 252 -25.44 -28.36 4.62
CA ASP B 252 -26.06 -29.65 4.30
C ASP B 252 -25.25 -30.47 3.27
N ASN B 253 -24.39 -29.79 2.52
CA ASN B 253 -23.59 -30.42 1.47
C ASN B 253 -22.11 -30.55 1.85
N ILE B 254 -21.79 -30.25 3.10
CA ILE B 254 -20.43 -30.38 3.60
C ILE B 254 -20.45 -31.14 4.92
N VAL B 255 -19.59 -32.14 5.03
CA VAL B 255 -19.42 -32.86 6.30
C VAL B 255 -18.08 -32.43 6.85
N PHE B 256 -18.11 -31.73 7.99
CA PHE B 256 -16.90 -31.36 8.71
C PHE B 256 -16.53 -32.45 9.69
N GLY B 257 -15.27 -32.47 10.12
CA GLY B 257 -14.79 -33.54 10.99
C GLY B 257 -14.81 -34.89 10.31
N ALA B 258 -14.73 -34.89 8.99
CA ALA B 258 -14.84 -36.11 8.17
C ALA B 258 -13.47 -36.47 7.64
N GLU B 259 -12.79 -37.40 8.32
CA GLU B 259 -11.47 -37.82 7.89
C GLU B 259 -11.62 -38.98 6.90
N VAL B 260 -11.34 -38.71 5.64
CA VAL B 260 -11.36 -39.73 4.61
C VAL B 260 -10.27 -40.77 4.88
N THR B 261 -10.64 -42.03 4.79
CA THR B 261 -9.73 -43.16 5.03
C THR B 261 -9.58 -44.08 3.82
N SER B 262 -10.50 -44.00 2.85
CA SER B 262 -10.45 -44.83 1.66
C SER B 262 -11.10 -44.12 0.48
N MET B 263 -10.53 -44.33 -0.71
CA MET B 263 -11.02 -43.74 -1.95
C MET B 263 -10.75 -44.74 -3.06
N LYS B 264 -11.81 -45.29 -3.66
CA LYS B 264 -11.65 -46.33 -4.67
C LYS B 264 -12.58 -46.16 -5.87
N ASN B 265 -12.03 -46.33 -7.08
CA ASN B 265 -12.85 -46.51 -8.26
C ASN B 265 -13.60 -47.83 -8.12
N VAL B 266 -14.90 -47.79 -8.35
CA VAL B 266 -15.76 -48.97 -8.30
C VAL B 266 -16.70 -48.95 -9.49
N SER B 267 -17.40 -50.06 -9.73
CA SER B 267 -18.32 -50.13 -10.87
C SER B 267 -19.36 -49.00 -10.85
N GLU B 268 -19.76 -48.59 -9.65
CA GLU B 268 -20.82 -47.60 -9.46
C GLU B 268 -20.33 -46.14 -9.57
N GLY B 269 -19.01 -45.94 -9.62
CA GLY B 269 -18.45 -44.59 -9.60
C GLY B 269 -17.18 -44.56 -8.76
N VAL B 270 -17.18 -43.73 -7.71
CA VAL B 270 -16.10 -43.70 -6.74
C VAL B 270 -16.69 -43.81 -5.34
N THR B 271 -16.16 -44.73 -4.53
CA THR B 271 -16.62 -44.89 -3.16
C THR B 271 -15.55 -44.36 -2.20
N VAL B 272 -15.99 -43.51 -1.27
CA VAL B 272 -15.12 -42.88 -0.31
C VAL B 272 -15.61 -43.21 1.10
N GLU B 273 -14.73 -43.78 1.92
CA GLU B 273 -15.04 -44.07 3.32
C GLU B 273 -14.38 -42.99 4.17
N TYR B 274 -15.07 -42.62 5.24
CA TYR B 274 -14.58 -41.59 6.14
C TYR B 274 -15.12 -41.81 7.54
N THR B 275 -14.40 -41.27 8.52
CA THR B 275 -14.81 -41.33 9.91
C THR B 275 -15.25 -39.92 10.34
N ALA B 276 -16.45 -39.82 10.91
CA ALA B 276 -16.99 -38.55 11.39
C ALA B 276 -17.73 -38.79 12.70
N GLY B 277 -17.39 -38.02 13.72
CA GLY B 277 -17.95 -38.21 15.06
C GLY B 277 -17.67 -39.59 15.64
N GLY B 278 -16.51 -40.14 15.27
CA GLY B 278 -16.12 -41.49 15.68
C GLY B 278 -16.80 -42.62 14.92
N SER B 279 -17.76 -42.28 14.05
CA SER B 279 -18.58 -43.24 13.34
C SER B 279 -18.08 -43.47 11.91
N LYS B 280 -18.23 -44.69 11.43
CA LYS B 280 -17.75 -45.06 10.10
C LYS B 280 -18.81 -44.81 9.04
N LYS B 281 -18.45 -44.04 8.02
CA LYS B 281 -19.39 -43.64 6.97
C LYS B 281 -18.83 -43.96 5.60
N SER B 282 -19.71 -44.00 4.61
CA SER B 282 -19.32 -44.24 3.23
C SER B 282 -20.23 -43.43 2.33
N ILE B 283 -19.66 -42.96 1.23
CA ILE B 283 -20.42 -42.27 0.20
C ILE B 283 -19.92 -42.74 -1.16
N THR B 284 -20.84 -42.91 -2.11
CA THR B 284 -20.50 -43.20 -3.49
C THR B 284 -21.03 -42.07 -4.35
N ALA B 285 -20.21 -41.63 -5.30
CA ALA B 285 -20.61 -40.60 -6.27
C ALA B 285 -20.07 -40.97 -7.64
N ASP B 286 -20.58 -40.31 -8.67
CA ASP B 286 -20.17 -40.64 -10.04
C ASP B 286 -18.71 -40.29 -10.30
N TYR B 287 -18.24 -39.19 -9.71
CA TYR B 287 -16.85 -38.74 -9.82
C TYR B 287 -16.35 -38.28 -8.47
N ALA B 288 -15.03 -38.25 -8.32
CA ALA B 288 -14.42 -37.68 -7.12
C ALA B 288 -13.38 -36.64 -7.52
N ILE B 289 -13.32 -35.57 -6.73
CA ILE B 289 -12.25 -34.60 -6.83
C ILE B 289 -11.46 -34.68 -5.53
N CYS B 290 -10.21 -35.12 -5.63
CA CYS B 290 -9.37 -35.31 -4.46
C CYS B 290 -8.40 -34.14 -4.32
N THR B 291 -8.61 -33.33 -3.28
CA THR B 291 -7.75 -32.17 -3.01
C THR B 291 -6.87 -32.37 -1.79
N ILE B 292 -6.87 -33.59 -1.25
CA ILE B 292 -5.99 -33.92 -0.14
C ILE B 292 -4.53 -33.73 -0.56
N PRO B 293 -3.70 -33.08 0.27
CA PRO B 293 -2.32 -32.89 -0.15
C PRO B 293 -1.67 -34.20 -0.62
N PRO B 294 -0.86 -34.13 -1.69
CA PRO B 294 -0.44 -35.35 -2.40
C PRO B 294 0.31 -36.38 -1.56
N HIS B 295 1.17 -35.91 -0.65
CA HIS B 295 1.91 -36.79 0.27
C HIS B 295 1.02 -37.52 1.24
N LEU B 296 -0.21 -37.06 1.43
CA LEU B 296 -1.15 -37.71 2.33
C LEU B 296 -2.04 -38.72 1.61
N VAL B 297 -2.15 -38.61 0.28
CA VAL B 297 -3.07 -39.48 -0.47
C VAL B 297 -2.70 -40.96 -0.36
N GLY B 298 -1.40 -41.27 -0.37
CA GLY B 298 -0.93 -42.67 -0.29
C GLY B 298 -1.31 -43.39 0.98
N ARG B 299 -1.63 -42.65 2.03
CA ARG B 299 -2.05 -43.24 3.31
C ARG B 299 -3.47 -43.76 3.26
N LEU B 300 -4.25 -43.31 2.28
CA LEU B 300 -5.61 -43.79 2.11
C LEU B 300 -5.59 -45.20 1.56
N GLN B 301 -6.56 -46.02 1.96
CA GLN B 301 -6.84 -47.24 1.23
C GLN B 301 -7.30 -46.80 -0.16
N ASN B 302 -6.75 -47.42 -1.19
CA ASN B 302 -7.00 -46.94 -2.54
C ASN B 302 -6.75 -48.03 -3.57
N ASN B 303 -7.16 -47.77 -4.82
CA ASN B 303 -6.81 -48.64 -5.94
C ASN B 303 -6.21 -47.85 -7.10
N LEU B 304 -5.38 -46.87 -6.74
CA LEU B 304 -4.63 -46.08 -7.69
C LEU B 304 -3.51 -46.94 -8.25
N PRO B 305 -3.25 -46.86 -9.57
CA PRO B 305 -2.11 -47.57 -10.13
C PRO B 305 -0.77 -47.14 -9.53
N GLY B 306 0.21 -48.04 -9.59
CA GLY B 306 1.51 -47.80 -9.01
C GLY B 306 2.22 -46.55 -9.51
N ASP B 307 2.09 -46.25 -10.79
CA ASP B 307 2.75 -45.06 -11.35
C ASP B 307 2.13 -43.77 -10.83
N VAL B 308 0.84 -43.80 -10.50
CA VAL B 308 0.16 -42.67 -9.87
C VAL B 308 0.66 -42.48 -8.43
N LEU B 309 0.73 -43.57 -7.68
CA LEU B 309 1.25 -43.51 -6.31
C LEU B 309 2.68 -42.97 -6.29
N THR B 310 3.50 -43.41 -7.24
CA THR B 310 4.86 -42.92 -7.36
C THR B 310 4.90 -41.43 -7.72
N ALA B 311 4.03 -41.02 -8.65
CA ALA B 311 3.97 -39.62 -9.05
C ALA B 311 3.59 -38.71 -7.87
N LEU B 312 2.65 -39.16 -7.05
CA LEU B 312 2.23 -38.39 -5.87
C LEU B 312 3.40 -38.12 -4.92
N LYS B 313 4.31 -39.08 -4.79
CA LYS B 313 5.49 -38.95 -3.92
C LYS B 313 6.52 -37.93 -4.40
N ALA B 314 6.42 -37.50 -5.65
CA ALA B 314 7.34 -36.50 -6.19
C ALA B 314 7.05 -35.08 -5.69
N ALA B 315 5.83 -34.84 -5.20
CA ALA B 315 5.45 -33.53 -4.66
C ALA B 315 5.92 -33.45 -3.22
N LYS B 316 7.14 -32.95 -3.02
CA LYS B 316 7.76 -33.03 -1.70
C LYS B 316 7.19 -31.98 -0.76
N PRO B 317 6.92 -32.38 0.50
CA PRO B 317 6.47 -31.41 1.49
C PRO B 317 7.48 -30.31 1.74
N SER B 318 7.00 -29.13 2.15
CA SER B 318 7.85 -28.00 2.48
C SER B 318 7.52 -27.47 3.87
N SER B 319 8.53 -26.92 4.53
CA SER B 319 8.38 -26.36 5.87
C SER B 319 8.11 -24.87 5.82
N SER B 320 7.11 -24.43 6.57
CA SER B 320 6.88 -23.00 6.78
C SER B 320 6.05 -22.83 8.03
N GLY B 321 6.19 -21.69 8.68
CA GLY B 321 5.43 -21.43 9.89
C GLY B 321 5.45 -19.97 10.27
N LYS B 322 4.54 -19.62 11.16
CA LYS B 322 4.37 -18.27 11.63
C LYS B 322 4.09 -18.26 13.13
N LEU B 323 4.36 -17.13 13.75
CA LEU B 323 4.00 -16.92 15.15
C LEU B 323 3.50 -15.49 15.28
N GLY B 324 2.35 -15.31 15.91
CA GLY B 324 1.78 -14.00 16.15
C GLY B 324 1.82 -13.65 17.62
N ILE B 325 2.17 -12.42 17.92
CA ILE B 325 2.19 -11.88 19.28
C ILE B 325 1.22 -10.72 19.36
N GLU B 326 0.24 -10.78 20.27
CA GLU B 326 -0.59 -9.62 20.53
C GLU B 326 0.10 -8.74 21.57
N TYR B 327 0.32 -7.48 21.19
CA TYR B 327 0.83 -6.45 22.08
C TYR B 327 -0.31 -5.54 22.52
N SER B 328 -0.24 -5.09 23.77
CA SER B 328 -1.22 -4.17 24.33
C SER B 328 -0.87 -2.69 24.08
N ARG B 329 0.10 -2.44 23.20
CA ARG B 329 0.53 -1.10 22.81
C ARG B 329 1.06 -1.25 21.40
N ARG B 330 0.62 -0.38 20.49
CA ARG B 330 1.06 -0.45 19.08
C ARG B 330 2.34 0.36 18.91
N TRP B 331 3.39 -0.12 19.56
CA TRP B 331 4.68 0.58 19.62
C TRP B 331 5.31 0.80 18.25
N TRP B 332 5.01 -0.10 17.31
CA TRP B 332 5.57 -0.01 15.98
C TRP B 332 5.06 1.26 15.28
N GLU B 333 3.78 1.57 15.48
CA GLU B 333 3.19 2.80 14.95
C GLU B 333 3.64 4.04 15.75
N THR B 334 3.53 3.97 17.07
CA THR B 334 3.79 5.15 17.92
C THR B 334 5.27 5.51 18.00
N GLU B 335 6.16 4.53 18.04
CA GLU B 335 7.59 4.82 18.18
C GLU B 335 8.32 4.76 16.84
N ASP B 336 8.13 3.67 16.08
CA ASP B 336 8.89 3.45 14.85
C ASP B 336 8.23 4.06 13.61
N ARG B 337 7.01 4.57 13.75
CA ARG B 337 6.26 5.12 12.62
C ARG B 337 6.10 4.08 11.50
N ILE B 338 5.84 2.84 11.92
CA ILE B 338 5.59 1.72 11.03
C ILE B 338 4.11 1.36 11.11
N TYR B 339 3.42 1.53 9.99
CA TYR B 339 2.02 1.11 9.82
C TYR B 339 2.04 0.06 8.71
N GLY B 340 1.95 -1.20 9.11
CA GLY B 340 2.00 -2.32 8.17
C GLY B 340 3.38 -2.55 7.58
N GLY B 341 3.45 -3.45 6.62
CA GLY B 341 4.74 -3.84 6.06
C GLY B 341 5.49 -4.83 6.92
N ALA B 342 6.74 -5.12 6.53
CA ALA B 342 7.54 -6.12 7.20
C ALA B 342 8.99 -5.71 7.26
N SER B 343 9.62 -6.00 8.40
CA SER B 343 11.07 -5.93 8.53
C SER B 343 11.66 -7.25 8.03
N ASN B 344 12.85 -7.19 7.46
CA ASN B 344 13.49 -8.35 6.83
C ASN B 344 14.86 -8.61 7.43
N THR B 345 15.20 -9.88 7.61
CA THR B 345 16.44 -10.25 8.26
C THR B 345 16.95 -11.61 7.81
N ASP B 346 18.24 -11.84 8.03
CA ASP B 346 18.83 -13.15 7.81
C ASP B 346 18.71 -14.07 9.03
N LYS B 347 18.22 -13.53 10.15
CA LYS B 347 17.94 -14.33 11.34
C LYS B 347 16.86 -15.37 11.03
N ASP B 348 16.77 -16.38 11.87
CA ASP B 348 15.78 -17.45 11.67
C ASP B 348 14.36 -16.91 11.54
N ILE B 349 14.00 -15.90 12.32
CA ILE B 349 12.66 -15.31 12.24
C ILE B 349 12.31 -14.85 10.81
N SER B 350 13.34 -14.45 10.06
CA SER B 350 13.25 -14.12 8.62
C SER B 350 12.58 -12.79 8.32
N GLN B 351 11.44 -12.54 8.94
CA GLN B 351 10.75 -11.28 8.78
C GLN B 351 9.75 -11.11 9.92
N ILE B 352 9.46 -9.84 10.20
CA ILE B 352 8.48 -9.45 11.19
C ILE B 352 7.44 -8.64 10.46
N MET B 353 6.18 -9.08 10.49
CA MET B 353 5.12 -8.47 9.69
C MET B 353 4.15 -7.73 10.58
N PHE B 354 3.99 -6.44 10.30
CA PHE B 354 3.15 -5.55 11.09
C PHE B 354 1.74 -5.50 10.51
N PRO B 355 0.74 -5.36 11.39
CA PRO B 355 -0.64 -5.51 10.94
C PRO B 355 -1.14 -4.40 10.03
N TYR B 356 -2.15 -4.77 9.25
CA TYR B 356 -2.73 -3.92 8.21
C TYR B 356 -4.14 -3.46 8.61
N ASP B 357 -4.51 -3.68 9.86
CA ASP B 357 -5.82 -3.27 10.36
C ASP B 357 -5.66 -2.67 11.74
N HIS B 358 -6.76 -2.11 12.25
CA HIS B 358 -6.80 -1.46 13.55
C HIS B 358 -5.72 -0.40 13.67
N TYR B 359 -5.43 0.30 12.59
CA TYR B 359 -4.40 1.35 12.63
C TYR B 359 -4.78 2.35 13.71
N ASN B 360 -3.81 2.77 14.50
CA ASN B 360 -4.01 3.75 15.57
C ASN B 360 -4.86 3.27 16.75
N SER B 361 -5.15 1.97 16.83
CA SER B 361 -5.91 1.41 17.95
C SER B 361 -5.00 1.20 19.16
N ASP B 362 -5.50 0.52 20.18
CA ASP B 362 -4.76 0.37 21.45
C ASP B 362 -3.95 -0.92 21.58
N ARG B 363 -4.07 -1.82 20.59
CA ARG B 363 -3.43 -3.13 20.67
C ARG B 363 -3.34 -3.70 19.27
N GLY B 364 -2.54 -4.74 19.07
CA GLY B 364 -2.48 -5.37 17.77
C GLY B 364 -1.59 -6.59 17.75
N VAL B 365 -1.79 -7.44 16.74
CA VAL B 365 -1.01 -8.64 16.56
C VAL B 365 0.09 -8.42 15.54
N VAL B 366 1.32 -8.72 15.94
CA VAL B 366 2.48 -8.70 15.06
C VAL B 366 2.86 -10.13 14.71
N VAL B 367 3.14 -10.37 13.44
CA VAL B 367 3.65 -11.66 13.02
C VAL B 367 5.15 -11.63 13.28
N ALA B 368 5.54 -12.23 14.40
CA ALA B 368 6.92 -12.20 14.91
C ALA B 368 7.88 -13.04 14.09
N TYR B 369 7.35 -14.04 13.38
CA TYR B 369 8.11 -14.66 12.31
C TYR B 369 7.20 -15.24 11.26
N TYR B 370 7.70 -15.24 10.03
CA TYR B 370 7.15 -16.03 8.95
C TYR B 370 8.38 -16.55 8.22
N SER B 371 8.73 -17.79 8.50
CA SER B 371 9.94 -18.38 7.97
C SER B 371 9.65 -19.72 7.32
N SER B 372 10.54 -20.09 6.40
CA SER B 372 10.37 -21.27 5.60
C SER B 372 11.70 -21.99 5.44
N GLY B 373 11.64 -23.27 5.08
CA GLY B 373 12.85 -24.04 4.83
C GLY B 373 13.68 -24.18 6.08
N LYS B 374 15.00 -24.03 5.94
CA LYS B 374 15.94 -24.17 7.03
C LYS B 374 15.56 -23.31 8.22
N ARG B 375 15.16 -22.07 7.94
CA ARG B 375 14.83 -21.13 9.01
C ARG B 375 13.48 -21.39 9.67
N GLN B 376 12.68 -22.30 9.13
CA GLN B 376 11.51 -22.81 9.87
C GLN B 376 11.81 -24.12 10.60
N GLU B 377 12.71 -24.94 10.04
CA GLU B 377 13.18 -26.13 10.74
C GLU B 377 13.66 -25.76 12.13
N ALA B 378 14.21 -24.55 12.24
CA ALA B 378 14.72 -24.00 13.49
C ALA B 378 13.65 -23.73 14.56
N PHE B 379 12.38 -23.68 14.15
CA PHE B 379 11.23 -23.50 15.06
C PHE B 379 10.34 -24.73 15.17
N GLU B 380 10.32 -25.55 14.13
CA GLU B 380 9.36 -26.64 14.00
C GLU B 380 9.38 -27.59 15.19
N SER B 381 10.58 -27.92 15.66
CA SER B 381 10.73 -28.90 16.74
C SER B 381 10.72 -28.29 18.13
N LEU B 382 10.67 -26.96 18.23
CA LEU B 382 10.56 -26.29 19.52
C LEU B 382 9.12 -26.29 20.00
N THR B 383 8.94 -26.30 21.32
CA THR B 383 7.63 -26.09 21.89
C THR B 383 7.19 -24.66 21.59
N HIS B 384 5.90 -24.37 21.71
CA HIS B 384 5.45 -23.02 21.45
C HIS B 384 6.17 -22.01 22.36
N ARG B 385 6.34 -22.36 23.64
CA ARG B 385 7.03 -21.46 24.57
C ARG B 385 8.46 -21.15 24.09
N GLN B 386 9.15 -22.17 23.61
CA GLN B 386 10.49 -21.99 23.07
C GLN B 386 10.49 -21.18 21.76
N ARG B 387 9.49 -21.41 20.90
CA ARG B 387 9.34 -20.62 19.67
C ARG B 387 9.19 -19.15 20.01
N LEU B 388 8.34 -18.87 21.00
CA LEU B 388 8.09 -17.50 21.42
C LEU B 388 9.35 -16.84 21.97
N ALA B 389 10.07 -17.53 22.84
CA ALA B 389 11.30 -16.99 23.43
C ALA B 389 12.32 -16.64 22.35
N LYS B 390 12.50 -17.54 21.39
CA LYS B 390 13.42 -17.32 20.29
C LYS B 390 12.95 -16.14 19.42
N ALA B 391 11.64 -16.08 19.14
CA ALA B 391 11.08 -15.00 18.34
C ALA B 391 11.28 -13.64 19.01
N ILE B 392 11.05 -13.59 20.32
CA ILE B 392 11.21 -12.33 21.05
C ILE B 392 12.68 -11.90 21.08
N ALA B 393 13.58 -12.85 21.32
CA ALA B 393 15.00 -12.53 21.36
C ALA B 393 15.47 -11.96 20.02
N GLU B 394 15.16 -12.65 18.94
CA GLU B 394 15.59 -12.20 17.62
C GLU B 394 14.92 -10.90 17.21
N GLY B 395 13.63 -10.75 17.52
CA GLY B 395 12.92 -9.52 17.22
C GLY B 395 13.48 -8.31 17.97
N SER B 396 13.88 -8.52 19.23
CA SER B 396 14.47 -7.46 20.02
C SER B 396 15.81 -6.98 19.44
N GLU B 397 16.50 -7.86 18.72
CA GLU B 397 17.75 -7.48 18.06
C GLU B 397 17.51 -6.58 16.85
N ILE B 398 16.26 -6.54 16.37
CA ILE B 398 15.88 -5.70 15.23
C ILE B 398 15.15 -4.43 15.69
N HIS B 399 14.18 -4.59 16.58
CA HIS B 399 13.31 -3.49 16.99
C HIS B 399 13.52 -3.00 18.42
N GLY B 400 14.51 -3.55 19.11
CA GLY B 400 14.90 -3.06 20.42
C GLY B 400 14.13 -3.68 21.56
N GLU B 401 14.42 -3.20 22.75
CA GLU B 401 13.84 -3.74 23.97
C GLU B 401 12.31 -3.60 24.04
N LYS B 402 11.75 -2.62 23.32
CA LYS B 402 10.30 -2.48 23.26
C LYS B 402 9.62 -3.75 22.74
N TYR B 403 10.34 -4.54 21.95
CA TYR B 403 9.82 -5.80 21.40
C TYR B 403 9.46 -6.80 22.50
N THR B 404 10.09 -6.66 23.66
CA THR B 404 9.93 -7.59 24.77
C THR B 404 8.82 -7.18 25.75
N ARG B 405 8.31 -5.96 25.61
CA ARG B 405 7.35 -5.39 26.57
C ARG B 405 5.93 -5.38 25.99
N ASP B 406 4.95 -5.29 26.88
CA ASP B 406 3.54 -5.15 26.52
C ASP B 406 2.99 -6.36 25.75
N ILE B 407 3.55 -7.54 26.01
CA ILE B 407 3.09 -8.77 25.35
C ILE B 407 1.90 -9.35 26.10
N SER B 408 0.78 -9.55 25.40
CA SER B 408 -0.43 -10.10 25.96
C SER B 408 -0.55 -11.60 25.78
N SER B 409 -0.35 -12.08 24.55
CA SER B 409 -0.49 -13.50 24.26
C SER B 409 0.16 -13.79 22.92
N SER B 410 0.21 -15.07 22.57
CA SER B 410 0.82 -15.48 21.31
C SER B 410 0.24 -16.79 20.82
N PHE B 411 0.51 -17.10 19.56
CA PHE B 411 -0.03 -18.31 18.92
C PHE B 411 0.81 -18.61 17.69
N SER B 412 1.26 -19.86 17.54
CA SER B 412 2.08 -20.24 16.41
C SER B 412 1.52 -21.43 15.66
N GLY B 413 1.88 -21.52 14.37
CA GLY B 413 1.63 -22.69 13.55
C GLY B 413 2.90 -23.08 12.80
N SER B 414 3.12 -24.37 12.63
CA SER B 414 4.19 -24.87 11.76
C SER B 414 3.56 -25.91 10.86
N TRP B 415 3.51 -25.61 9.58
CA TRP B 415 2.67 -26.37 8.65
C TRP B 415 3.05 -27.83 8.50
N ARG B 416 4.35 -28.14 8.56
CA ARG B 416 4.74 -29.54 8.45
C ARG B 416 4.31 -30.37 9.67
N ARG B 417 4.08 -29.69 10.79
CA ARG B 417 3.62 -30.32 12.03
C ARG B 417 2.10 -30.20 12.23
N THR B 418 1.38 -29.79 11.19
CA THR B 418 -0.05 -29.51 11.30
C THR B 418 -0.86 -30.62 10.66
N LYS B 419 -1.76 -31.22 11.45
CA LYS B 419 -2.60 -32.32 10.98
C LYS B 419 -3.43 -31.90 9.76
N TYR B 420 -3.46 -32.79 8.77
CA TYR B 420 -4.21 -32.60 7.53
C TYR B 420 -3.54 -31.64 6.55
N SER B 421 -2.35 -31.16 6.90
CA SER B 421 -1.51 -30.41 5.98
C SER B 421 -0.17 -31.10 5.83
N GLU B 422 0.61 -31.15 6.92
CA GLU B 422 1.94 -31.76 6.97
C GLU B 422 2.88 -31.21 5.90
N SER B 423 2.62 -29.97 5.51
CA SER B 423 3.38 -29.26 4.48
C SER B 423 2.75 -27.90 4.27
N ALA B 424 3.58 -26.91 3.97
CA ALA B 424 3.11 -25.59 3.60
C ALA B 424 2.70 -25.53 2.13
N TRP B 425 3.42 -26.28 1.29
CA TRP B 425 3.22 -26.30 -0.17
C TRP B 425 4.18 -27.31 -0.78
N ALA B 426 3.88 -27.73 -2.00
CA ALA B 426 4.65 -28.78 -2.66
C ALA B 426 5.87 -28.22 -3.36
N ASN B 427 6.96 -28.97 -3.29
CA ASN B 427 8.15 -28.71 -4.09
C ASN B 427 8.40 -29.97 -4.93
N TRP B 428 8.06 -29.90 -6.21
CA TRP B 428 8.17 -31.06 -7.08
C TRP B 428 9.62 -31.42 -7.36
N ALA B 429 9.93 -32.71 -7.25
CA ALA B 429 11.26 -33.22 -7.59
C ALA B 429 11.59 -32.86 -9.04
N GLY B 430 12.78 -32.31 -9.26
CA GLY B 430 13.23 -31.94 -10.61
C GLY B 430 12.62 -30.68 -11.15
N ALA B 439 5.80 -28.84 -14.29
CA ALA B 439 6.01 -29.26 -15.68
C ALA B 439 6.83 -30.55 -15.75
N THR B 440 7.02 -31.17 -14.59
CA THR B 440 7.75 -32.42 -14.48
C THR B 440 6.84 -33.56 -14.94
N PRO B 441 7.43 -34.72 -15.26
CA PRO B 441 6.61 -35.88 -15.65
C PRO B 441 5.54 -36.25 -14.61
N GLU B 442 5.88 -36.14 -13.33
CA GLU B 442 4.98 -36.54 -12.26
C GLU B 442 3.80 -35.57 -12.13
N TYR B 443 4.08 -34.28 -12.22
CA TYR B 443 3.05 -33.25 -12.26
C TYR B 443 2.10 -33.50 -13.43
N GLU B 444 2.68 -33.70 -14.62
CA GLU B 444 1.87 -33.92 -15.80
C GLU B 444 1.00 -35.17 -15.67
N LYS B 445 1.58 -36.25 -15.14
CA LYS B 445 0.83 -37.48 -14.93
C LYS B 445 -0.41 -37.25 -14.06
N LEU B 446 -0.27 -36.44 -13.02
CA LEU B 446 -1.34 -36.24 -12.04
C LEU B 446 -2.44 -35.27 -12.52
N LEU B 447 -2.26 -34.67 -13.69
CA LEU B 447 -3.34 -33.89 -14.31
C LEU B 447 -4.37 -34.78 -15.01
N GLU B 448 -4.03 -36.04 -15.22
CA GLU B 448 -4.96 -36.97 -15.87
C GLU B 448 -5.85 -37.61 -14.82
N PRO B 449 -7.12 -37.86 -15.18
CA PRO B 449 -7.95 -38.59 -14.23
C PRO B 449 -7.46 -40.03 -14.07
N VAL B 450 -7.72 -40.60 -12.90
CA VAL B 450 -7.53 -42.03 -12.67
C VAL B 450 -8.93 -42.60 -12.70
N ASP B 451 -9.35 -43.01 -13.90
CA ASP B 451 -10.74 -43.34 -14.22
C ASP B 451 -11.68 -42.20 -13.81
N LYS B 452 -12.36 -42.30 -12.66
CA LYS B 452 -13.33 -41.28 -12.24
C LYS B 452 -12.81 -40.37 -11.11
N ILE B 453 -11.54 -40.56 -10.73
CA ILE B 453 -10.89 -39.74 -9.70
C ILE B 453 -10.03 -38.66 -10.34
N TYR B 454 -10.29 -37.41 -9.97
CA TYR B 454 -9.52 -36.26 -10.43
C TYR B 454 -8.79 -35.64 -9.26
N PHE B 455 -7.51 -35.34 -9.45
CA PHE B 455 -6.76 -34.59 -8.45
C PHE B 455 -6.84 -33.10 -8.74
N ALA B 456 -6.93 -32.29 -7.69
CA ALA B 456 -6.91 -30.85 -7.82
C ALA B 456 -6.24 -30.25 -6.60
N GLY B 457 -5.65 -29.08 -6.78
CA GLY B 457 -5.05 -28.36 -5.66
C GLY B 457 -3.95 -27.45 -6.18
N ASP B 458 -3.41 -26.61 -5.30
CA ASP B 458 -2.40 -25.65 -5.74
C ASP B 458 -1.14 -26.33 -6.25
N HIS B 459 -0.85 -27.55 -5.79
CA HIS B 459 0.33 -28.28 -6.26
C HIS B 459 0.25 -28.64 -7.75
N LEU B 460 -0.97 -28.69 -8.30
CA LEU B 460 -1.16 -29.01 -9.72
C LEU B 460 -1.41 -27.75 -10.53
N SER B 461 -0.66 -26.69 -10.19
CA SER B 461 -0.75 -25.42 -10.87
C SER B 461 0.61 -24.79 -11.03
N ASN B 462 0.63 -23.69 -11.78
CA ASN B 462 1.80 -22.83 -11.95
C ASN B 462 1.77 -21.65 -10.96
N ALA B 463 0.99 -21.79 -9.90
CA ALA B 463 0.98 -20.82 -8.80
C ALA B 463 0.87 -21.60 -7.49
N ILE B 464 1.82 -22.51 -7.29
CA ILE B 464 1.91 -23.28 -6.05
C ILE B 464 2.11 -22.29 -4.90
N ALA B 465 1.41 -22.52 -3.79
CA ALA B 465 1.44 -21.65 -2.61
C ALA B 465 0.69 -20.34 -2.83
N TRP B 466 -0.23 -20.34 -3.79
CA TRP B 466 -1.18 -19.25 -3.97
C TRP B 466 -2.57 -19.82 -4.11
N GLN B 467 -3.55 -19.17 -3.48
CA GLN B 467 -4.94 -19.56 -3.64
C GLN B 467 -5.33 -19.61 -5.12
N HIS B 468 -4.80 -18.67 -5.91
CA HIS B 468 -5.03 -18.67 -7.36
C HIS B 468 -4.75 -20.03 -7.98
N GLY B 469 -3.67 -20.69 -7.55
CA GLY B 469 -3.32 -22.01 -8.05
C GLY B 469 -4.39 -23.05 -7.73
N ALA B 470 -4.88 -23.05 -6.49
CA ALA B 470 -5.93 -23.97 -6.08
C ALA B 470 -7.25 -23.71 -6.81
N LEU B 471 -7.60 -22.43 -6.99
CA LEU B 471 -8.86 -22.04 -7.60
C LEU B 471 -8.87 -22.33 -9.10
N THR B 472 -7.77 -22.02 -9.78
CA THR B 472 -7.67 -22.36 -11.19
C THR B 472 -7.62 -23.88 -11.41
N SER B 473 -6.99 -24.62 -10.51
CA SER B 473 -6.97 -26.07 -10.61
C SER B 473 -8.40 -26.62 -10.50
N ALA B 474 -9.13 -26.16 -9.48
CA ALA B 474 -10.53 -26.53 -9.30
C ALA B 474 -11.35 -26.27 -10.56
N ARG B 475 -11.21 -25.08 -11.12
CA ARG B 475 -12.00 -24.70 -12.28
C ARG B 475 -11.69 -25.57 -13.49
N ASP B 476 -10.41 -25.92 -13.68
CA ASP B 476 -10.03 -26.81 -14.79
C ASP B 476 -10.63 -28.19 -14.62
N VAL B 477 -10.55 -28.72 -13.41
CA VAL B 477 -11.06 -30.06 -13.14
C VAL B 477 -12.58 -30.12 -13.30
N VAL B 478 -13.27 -29.10 -12.81
CA VAL B 478 -14.72 -29.03 -12.98
C VAL B 478 -15.08 -29.00 -14.48
N THR B 479 -14.33 -28.21 -15.25
CA THR B 479 -14.54 -28.15 -16.69
C THR B 479 -14.35 -29.53 -17.33
N HIS B 480 -13.31 -30.26 -16.91
CA HIS B 480 -13.07 -31.59 -17.46
C HIS B 480 -14.18 -32.58 -17.13
N ILE B 481 -14.66 -32.56 -15.89
CA ILE B 481 -15.78 -33.42 -15.51
C ILE B 481 -17.02 -33.08 -16.35
N HIS B 482 -17.30 -31.80 -16.51
CA HIS B 482 -18.49 -31.36 -17.23
C HIS B 482 -18.46 -31.80 -18.71
N GLU B 483 -17.29 -31.68 -19.32
CA GLU B 483 -17.10 -32.10 -20.72
C GLU B 483 -17.28 -33.61 -20.85
N ARG B 484 -16.78 -34.35 -19.88
CA ARG B 484 -16.92 -35.80 -19.87
C ARG B 484 -18.38 -36.21 -19.76
N VAL B 485 -19.11 -35.57 -18.86
CA VAL B 485 -20.54 -35.82 -18.72
C VAL B 485 -21.28 -35.51 -20.01
N ALA B 486 -20.91 -34.42 -20.68
CA ALA B 486 -21.52 -34.04 -21.96
C ALA B 486 -21.34 -35.11 -23.04
N GLN B 487 -20.20 -35.79 -23.01
CA GLN B 487 -19.84 -36.80 -24.00
C GLN B 487 -20.58 -38.11 -23.75
PA FAD C . -5.95 26.60 4.81
O1A FAD C . -6.32 25.15 4.70
O2A FAD C . -5.85 27.37 3.52
O5B FAD C . -6.99 27.31 5.80
C5B FAD C . -7.15 28.72 5.83
C4B FAD C . -8.57 29.04 6.24
O4B FAD C . -8.72 30.45 6.23
C3B FAD C . -9.61 28.47 5.26
O3B FAD C . -10.54 27.63 5.91
C2B FAD C . -10.26 29.72 4.68
O2B FAD C . -11.61 29.57 4.31
C1B FAD C . -10.03 30.72 5.79
N9A FAD C . -10.14 32.13 5.35
C8A FAD C . -9.56 32.70 4.26
N7A FAD C . -9.90 34.01 4.23
C5A FAD C . -10.69 34.27 5.30
C6A FAD C . -11.31 35.41 5.77
N6A FAD C . -11.23 36.60 5.18
N1A FAD C . -12.03 35.32 6.93
C2A FAD C . -12.11 34.14 7.64
N3A FAD C . -11.54 32.99 7.17
C4A FAD C . -10.82 33.08 6.03
N1 FAD C . -1.79 17.95 2.69
C2 FAD C . -1.55 16.65 3.08
O2 FAD C . -1.28 16.39 4.25
N3 FAD C . -1.55 15.65 2.14
C4 FAD C . -1.84 15.89 0.82
O4 FAD C . -2.03 14.92 0.07
C4X FAD C . -1.93 17.21 0.39
N5 FAD C . -2.15 17.51 -0.95
C5X FAD C . -2.73 18.73 -1.26
C6 FAD C . -3.12 18.99 -2.57
C7 FAD C . -3.74 20.20 -2.91
C7M FAD C . -4.21 20.40 -4.32
C8 FAD C . -3.98 21.15 -1.91
C8M FAD C . -4.66 22.47 -2.19
C9 FAD C . -3.53 20.91 -0.61
C9A FAD C . -2.87 19.71 -0.29
N10 FAD C . -2.43 19.47 1.02
C10 FAD C . -2.02 18.21 1.36
C1' FAD C . -2.04 20.59 1.93
C2' FAD C . -3.10 20.91 2.98
O2' FAD C . -4.38 21.04 2.37
C3' FAD C . -2.67 22.20 3.67
O3' FAD C . -1.39 22.01 4.23
C4' FAD C . -3.57 22.69 4.80
O4' FAD C . -4.91 22.76 4.38
C5' FAD C . -3.10 24.06 5.26
O5' FAD C . -3.84 24.47 6.38
P FAD C . -3.85 26.02 6.80
O1P FAD C . -4.73 26.12 8.01
O2P FAD C . -2.45 26.56 6.85
O3P FAD C . -4.52 26.77 5.52
PA FAD D . -5.41 -27.11 1.23
O1A FAD D . -5.66 -25.68 1.62
O2A FAD D . -4.26 -27.82 1.87
O5B FAD D . -6.77 -27.93 1.48
C5B FAD D . -6.77 -29.34 1.54
C4B FAD D . -7.89 -29.77 2.47
O4B FAD D . -7.88 -31.18 2.57
C3B FAD D . -7.72 -29.20 3.89
O3B FAD D . -8.84 -28.44 4.32
C2B FAD D . -7.49 -30.45 4.72
O2B FAD D . -7.95 -30.36 6.06
C1B FAD D . -8.22 -31.51 3.90
N9A FAD D . -7.82 -32.89 4.22
C8A FAD D . -6.56 -33.38 4.37
N7A FAD D . -6.63 -34.70 4.63
C5A FAD D . -7.94 -35.05 4.63
C6A FAD D . -8.59 -36.26 4.83
N6A FAD D . -7.98 -37.41 5.12
N1A FAD D . -9.95 -36.27 4.75
C2A FAD D . -10.67 -35.13 4.44
N3A FAD D . -10.05 -33.92 4.27
C4A FAD D . -8.70 -33.91 4.35
N1 FAD D . -1.97 -18.16 -0.77
C2 FAD D . -2.21 -16.88 -1.20
O2 FAD D . -3.08 -16.66 -2.05
N3 FAD D . -1.58 -15.82 -0.59
C4 FAD D . -0.62 -16.02 0.39
O4 FAD D . -0.19 -15.02 1.01
C4X FAD D . -0.22 -17.32 0.70
N5 FAD D . 0.77 -17.56 1.63
C5X FAD D . 0.81 -18.81 2.23
C6 FAD D . 1.64 -19.03 3.33
C7 FAD D . 1.66 -20.24 4.00
C7M FAD D . 2.58 -20.42 5.17
C8 FAD D . 0.79 -21.25 3.58
C8M FAD D . 0.69 -22.55 4.31
C9 FAD D . -0.05 -21.04 2.49
C9A FAD D . -0.04 -19.83 1.80
N10 FAD D . -0.85 -19.62 0.69
C10 FAD D . -1.00 -18.36 0.19
C1' FAD D . -1.30 -20.76 -0.18
C2' FAD D . -2.73 -21.22 0.08
O2' FAD D . -2.95 -21.38 1.46
C3' FAD D . -2.94 -22.52 -0.70
O3' FAD D . -2.67 -22.24 -2.07
C4' FAD D . -4.35 -23.07 -0.64
O4' FAD D . -4.77 -23.22 0.71
C5' FAD D . -4.35 -24.42 -1.34
O5' FAD D . -5.66 -24.94 -1.38
P FAD D . -5.88 -26.51 -1.62
O1P FAD D . -7.35 -26.73 -1.61
O2P FAD D . -5.10 -26.95 -2.81
O3P FAD D . -5.17 -27.23 -0.36
#